data_2N87
#
_entry.id   2N87
#
_entity_poly.entity_id   1
_entity_poly.type   'polypeptide(L)'
_entity_poly.pdbx_seq_one_letter_code
;PTERHFYHVLVKHKDVRRPSSLAPRNKGEKITRSRADAINLAQAILAQHKERKTWSLDEFVQVVRDFSECGSAKRDGDLG
MVESGTYTEGFDTVAFSLKSGEVSAPVETELGVHLIYRVE
;
_entity_poly.pdbx_strand_id   A
#
# COMPACT_ATOMS: atom_id res chain seq x y z
N PRO A 1 -10.75 15.82 -13.46
CA PRO A 1 -11.26 15.46 -14.78
C PRO A 1 -11.23 13.96 -15.03
N THR A 2 -10.19 13.30 -14.55
CA THR A 2 -10.04 11.86 -14.72
C THR A 2 -9.34 11.24 -13.51
N GLU A 3 -10.07 10.39 -12.78
CA GLU A 3 -9.52 9.73 -11.60
C GLU A 3 -9.75 8.22 -11.66
N ARG A 4 -9.08 7.48 -10.79
CA ARG A 4 -9.22 6.03 -10.74
C ARG A 4 -9.49 5.56 -9.31
N HIS A 5 -10.00 4.34 -9.19
CA HIS A 5 -10.30 3.76 -7.88
C HIS A 5 -9.48 2.50 -7.65
N PHE A 6 -8.52 2.59 -6.74
CA PHE A 6 -7.66 1.45 -6.42
C PHE A 6 -7.20 1.51 -4.96
N TYR A 7 -6.52 0.46 -4.53
CA TYR A 7 -6.02 0.39 -3.15
C TYR A 7 -4.49 0.38 -3.13
N HIS A 8 -3.93 0.41 -1.92
CA HIS A 8 -2.48 0.39 -1.75
C HIS A 8 -2.10 -0.06 -0.34
N VAL A 9 -0.91 -0.61 -0.21
CA VAL A 9 -0.42 -1.09 1.09
C VAL A 9 0.84 -0.33 1.51
N LEU A 10 0.70 0.47 2.56
CA LEU A 10 1.83 1.26 3.06
C LEU A 10 2.59 0.47 4.13
N VAL A 11 3.85 0.16 3.83
CA VAL A 11 4.69 -0.58 4.76
C VAL A 11 5.99 0.17 5.05
N LYS A 12 6.35 0.25 6.34
CA LYS A 12 7.56 0.94 6.74
C LYS A 12 8.34 0.11 7.77
N HIS A 13 9.42 0.68 8.28
CA HIS A 13 10.25 -0.01 9.27
C HIS A 13 10.89 1.00 10.22
N LYS A 14 11.56 0.47 11.25
CA LYS A 14 12.22 1.32 12.24
C LYS A 14 13.53 1.89 11.68
N ASP A 15 13.89 1.46 10.48
CA ASP A 15 15.12 1.93 9.84
C ASP A 15 14.81 3.03 8.83
N VAL A 16 13.67 3.68 8.99
CA VAL A 16 13.26 4.76 8.09
C VAL A 16 13.63 6.12 8.66
N ARG A 17 13.22 7.17 7.97
CA ARG A 17 13.50 8.53 8.40
C ARG A 17 12.52 8.97 9.48
N ARG A 18 11.32 8.42 9.44
CA ARG A 18 10.28 8.75 10.40
C ARG A 18 9.42 7.53 10.72
N PRO A 19 10.01 6.57 11.45
CA PRO A 19 9.32 5.35 11.84
C PRO A 19 8.23 5.59 12.89
N SER A 20 7.07 6.02 12.42
CA SER A 20 5.94 6.30 13.31
C SER A 20 4.62 6.23 12.55
N SER A 21 3.56 5.85 13.26
CA SER A 21 2.23 5.74 12.66
C SER A 21 1.32 6.86 13.15
N LEU A 22 0.48 7.36 12.25
CA LEU A 22 -0.45 8.44 12.59
C LEU A 22 -1.85 7.89 12.82
N ALA A 23 -2.01 7.07 13.86
CA ALA A 23 -3.31 6.48 14.17
C ALA A 23 -4.00 7.25 15.29
N PRO A 24 -5.31 7.04 15.44
CA PRO A 24 -6.11 7.70 16.47
C PRO A 24 -5.78 7.19 17.87
N ARG A 25 -5.52 5.90 17.98
CA ARG A 25 -5.19 5.29 19.26
C ARG A 25 -3.68 5.13 19.42
N ASN A 26 -2.96 5.30 18.32
CA ASN A 26 -1.50 5.18 18.33
C ASN A 26 -0.85 6.39 17.68
N LYS A 27 -1.42 7.56 17.91
CA LYS A 27 -0.90 8.80 17.35
C LYS A 27 0.46 9.14 17.97
N GLY A 28 1.44 9.43 17.13
CA GLY A 28 2.77 9.78 17.61
C GLY A 28 3.46 8.60 18.26
N GLU A 29 2.90 7.42 18.10
CA GLU A 29 3.47 6.21 18.68
C GLU A 29 4.42 5.53 17.70
N LYS A 30 5.56 5.07 18.21
CA LYS A 30 6.56 4.41 17.38
C LYS A 30 6.14 2.98 17.04
N ILE A 31 6.59 2.49 15.89
CA ILE A 31 6.26 1.14 15.47
C ILE A 31 7.44 0.19 15.67
N THR A 32 7.18 -0.95 16.29
CA THR A 32 8.21 -1.95 16.55
C THR A 32 8.42 -2.85 15.34
N ARG A 33 8.63 -2.25 14.18
CA ARG A 33 8.85 -3.00 12.95
C ARG A 33 10.28 -2.85 12.45
N SER A 34 10.80 -3.89 11.82
CA SER A 34 12.16 -3.87 11.30
C SER A 34 12.16 -3.83 9.78
N ARG A 35 13.30 -3.46 9.20
CA ARG A 35 13.42 -3.39 7.75
C ARG A 35 13.05 -4.72 7.10
N ALA A 36 13.31 -5.81 7.80
CA ALA A 36 13.00 -7.13 7.30
C ALA A 36 11.50 -7.41 7.35
N ASP A 37 10.81 -6.70 8.24
CA ASP A 37 9.36 -6.87 8.39
C ASP A 37 8.61 -6.01 7.38
N ALA A 38 9.30 -5.00 6.84
CA ALA A 38 8.69 -4.11 5.86
C ALA A 38 8.57 -4.78 4.50
N ILE A 39 9.66 -5.39 4.04
CA ILE A 39 9.66 -6.07 2.75
C ILE A 39 8.82 -7.35 2.80
N ASN A 40 9.07 -8.18 3.82
CA ASN A 40 8.33 -9.42 3.98
C ASN A 40 6.84 -9.17 4.04
N LEU A 41 6.46 -7.96 4.46
CA LEU A 41 5.05 -7.58 4.55
C LEU A 41 4.42 -7.49 3.17
N ALA A 42 4.97 -6.62 2.33
CA ALA A 42 4.46 -6.44 0.97
C ALA A 42 4.72 -7.68 0.12
N GLN A 43 5.82 -8.37 0.41
CA GLN A 43 6.19 -9.56 -0.33
C GLN A 43 5.25 -10.72 -0.02
N ALA A 44 4.93 -10.87 1.26
CA ALA A 44 4.04 -11.94 1.70
C ALA A 44 2.67 -11.82 1.03
N ILE A 45 2.26 -10.60 0.75
CA ILE A 45 0.97 -10.35 0.11
C ILE A 45 0.98 -10.84 -1.34
N LEU A 46 1.92 -10.33 -2.12
CA LEU A 46 2.05 -10.71 -3.53
C LEU A 46 2.19 -12.22 -3.67
N ALA A 47 2.66 -12.86 -2.61
CA ALA A 47 2.85 -14.32 -2.61
C ALA A 47 1.66 -15.02 -1.96
N GLN A 48 0.83 -14.25 -1.26
CA GLN A 48 -0.34 -14.81 -0.60
C GLN A 48 -1.24 -15.53 -1.59
N HIS A 49 -1.15 -15.14 -2.86
CA HIS A 49 -1.96 -15.75 -3.91
C HIS A 49 -1.09 -16.55 -4.87
N LYS A 50 0.06 -17.02 -4.37
CA LYS A 50 0.98 -17.80 -5.19
C LYS A 50 0.32 -19.08 -5.69
N GLU A 51 1.02 -19.81 -6.55
CA GLU A 51 0.50 -21.05 -7.09
C GLU A 51 -0.72 -20.80 -7.96
N ARG A 52 -0.94 -19.53 -8.32
CA ARG A 52 -2.08 -19.15 -9.14
C ARG A 52 -2.01 -17.68 -9.51
N LYS A 53 -1.84 -17.40 -10.80
CA LYS A 53 -1.76 -16.03 -11.29
C LYS A 53 -3.13 -15.38 -11.32
N THR A 54 -3.68 -15.10 -10.14
CA THR A 54 -4.99 -14.47 -10.02
C THR A 54 -5.10 -13.65 -8.75
N TRP A 55 -5.12 -12.33 -8.90
CA TRP A 55 -5.23 -11.43 -7.76
C TRP A 55 -6.67 -10.97 -7.56
N SER A 56 -7.28 -11.40 -6.46
CA SER A 56 -8.65 -11.05 -6.15
C SER A 56 -8.72 -9.70 -5.42
N LEU A 57 -9.83 -9.00 -5.58
CA LEU A 57 -10.01 -7.70 -4.94
C LEU A 57 -10.21 -7.86 -3.44
N ASP A 58 -11.29 -8.51 -3.04
CA ASP A 58 -11.59 -8.73 -1.64
C ASP A 58 -10.42 -9.40 -0.93
N GLU A 59 -9.59 -10.11 -1.70
CA GLU A 59 -8.43 -10.80 -1.15
C GLU A 59 -7.36 -9.80 -0.74
N PHE A 60 -7.28 -8.70 -1.47
CA PHE A 60 -6.28 -7.67 -1.18
C PHE A 60 -6.78 -6.72 -0.08
N VAL A 61 -8.04 -6.29 -0.20
CA VAL A 61 -8.64 -5.39 0.77
C VAL A 61 -8.44 -5.91 2.19
N GLN A 62 -8.38 -7.23 2.33
CA GLN A 62 -8.19 -7.85 3.64
C GLN A 62 -6.77 -7.65 4.15
N VAL A 63 -5.80 -7.75 3.23
CA VAL A 63 -4.40 -7.57 3.59
C VAL A 63 -4.02 -6.10 3.63
N VAL A 64 -4.84 -5.27 2.98
CA VAL A 64 -4.59 -3.83 2.95
C VAL A 64 -4.67 -3.23 4.34
N ARG A 65 -5.81 -3.42 5.00
CA ARG A 65 -6.02 -2.89 6.34
C ARG A 65 -5.28 -3.74 7.38
N ASP A 66 -4.66 -4.82 6.91
CA ASP A 66 -3.91 -5.71 7.80
C ASP A 66 -2.41 -5.48 7.67
N PHE A 67 -2.01 -4.83 6.58
CA PHE A 67 -0.60 -4.55 6.34
C PHE A 67 -0.35 -3.04 6.28
N SER A 68 -1.09 -2.36 5.42
CA SER A 68 -0.94 -0.92 5.27
C SER A 68 -0.93 -0.22 6.63
N GLU A 69 -0.09 0.81 6.76
CA GLU A 69 0.02 1.54 8.01
C GLU A 69 -0.39 3.00 7.81
N CYS A 70 -0.91 3.31 6.63
CA CYS A 70 -1.34 4.66 6.32
C CYS A 70 -2.70 4.96 6.93
N GLY A 71 -2.75 5.02 8.26
CA GLY A 71 -4.00 5.29 8.95
C GLY A 71 -5.05 4.24 8.67
N SER A 72 -4.92 3.09 9.33
CA SER A 72 -5.87 2.00 9.15
C SER A 72 -7.29 2.46 9.41
N ALA A 73 -7.46 3.32 10.42
CA ALA A 73 -8.77 3.84 10.77
C ALA A 73 -9.09 5.10 9.97
N LYS A 74 -8.08 5.63 9.29
CA LYS A 74 -8.26 6.83 8.48
C LYS A 74 -8.72 6.48 7.07
N ARG A 75 -7.87 5.77 6.34
CA ARG A 75 -8.18 5.36 4.97
C ARG A 75 -8.19 3.85 4.85
N ASP A 76 -7.77 3.16 5.91
CA ASP A 76 -7.74 1.70 5.92
C ASP A 76 -6.92 1.17 4.74
N GLY A 77 -5.90 1.93 4.34
CA GLY A 77 -5.06 1.53 3.24
C GLY A 77 -5.80 1.53 1.91
N ASP A 78 -6.99 2.12 1.91
CA ASP A 78 -7.79 2.19 0.70
C ASP A 78 -7.80 3.60 0.12
N LEU A 79 -7.49 3.71 -1.16
CA LEU A 79 -7.46 5.01 -1.83
C LEU A 79 -8.81 5.33 -2.45
N GLY A 80 -9.06 6.63 -2.65
CA GLY A 80 -10.31 7.06 -3.24
C GLY A 80 -10.14 7.69 -4.60
N MET A 81 -11.14 8.45 -5.04
CA MET A 81 -11.09 9.10 -6.34
C MET A 81 -9.87 10.02 -6.44
N VAL A 82 -8.81 9.53 -7.07
CA VAL A 82 -7.59 10.31 -7.23
C VAL A 82 -7.31 10.59 -8.71
N GLU A 83 -6.94 11.82 -9.01
CA GLU A 83 -6.63 12.22 -10.38
C GLU A 83 -5.13 12.25 -10.62
N SER A 84 -4.73 12.09 -11.88
CA SER A 84 -3.32 12.10 -12.24
C SER A 84 -2.65 13.39 -11.78
N GLY A 85 -1.60 13.26 -10.98
CA GLY A 85 -0.89 14.43 -10.49
C GLY A 85 -1.06 14.62 -8.99
N THR A 86 -1.62 13.62 -8.33
CA THR A 86 -1.85 13.69 -6.89
C THR A 86 -0.75 12.96 -6.13
N TYR A 87 -0.33 11.82 -6.66
CA TYR A 87 0.72 11.02 -6.02
C TYR A 87 2.09 11.37 -6.59
N THR A 88 3.11 10.65 -6.14
CA THR A 88 4.47 10.87 -6.60
C THR A 88 4.76 10.08 -7.87
N GLU A 89 5.85 10.42 -8.55
CA GLU A 89 6.23 9.73 -9.78
C GLU A 89 6.37 8.23 -9.54
N GLY A 90 5.83 7.44 -10.46
CA GLY A 90 5.90 6.00 -10.35
C GLY A 90 4.64 5.40 -9.77
N PHE A 91 3.98 6.15 -8.89
CA PHE A 91 2.75 5.69 -8.26
C PHE A 91 1.53 6.08 -9.09
N ASP A 92 1.39 7.37 -9.36
CA ASP A 92 0.28 7.87 -10.15
C ASP A 92 0.37 7.40 -11.60
N THR A 93 1.58 7.00 -12.00
CA THR A 93 1.82 6.54 -13.36
C THR A 93 1.39 5.08 -13.53
N VAL A 94 1.69 4.27 -12.52
CA VAL A 94 1.34 2.86 -12.55
C VAL A 94 -0.09 2.63 -12.06
N ALA A 95 -0.40 3.20 -10.89
CA ALA A 95 -1.73 3.06 -10.32
C ALA A 95 -2.81 3.38 -11.34
N PHE A 96 -2.57 4.41 -12.15
CA PHE A 96 -3.53 4.81 -13.17
C PHE A 96 -3.40 3.93 -14.41
N SER A 97 -2.21 3.39 -14.63
CA SER A 97 -1.96 2.53 -15.79
C SER A 97 -1.84 1.07 -15.35
N LEU A 98 -2.60 0.70 -14.33
CA LEU A 98 -2.58 -0.67 -13.82
C LEU A 98 -3.66 -1.52 -14.49
N LYS A 99 -3.51 -2.84 -14.39
CA LYS A 99 -4.47 -3.76 -14.99
C LYS A 99 -5.50 -4.21 -13.96
N SER A 100 -6.77 -4.15 -14.33
CA SER A 100 -7.85 -4.56 -13.44
C SER A 100 -7.60 -5.97 -12.89
N GLY A 101 -7.32 -6.05 -11.59
CA GLY A 101 -7.07 -7.34 -10.97
C GLY A 101 -5.59 -7.69 -10.93
N GLU A 102 -4.74 -6.65 -10.86
CA GLU A 102 -3.30 -6.86 -10.82
C GLU A 102 -2.65 -5.90 -9.82
N VAL A 103 -1.44 -6.24 -9.40
CA VAL A 103 -0.69 -5.41 -8.45
C VAL A 103 0.48 -4.72 -9.12
N SER A 104 0.70 -3.46 -8.77
CA SER A 104 1.80 -2.69 -9.34
C SER A 104 3.14 -3.11 -8.74
N ALA A 105 4.22 -2.59 -9.30
CA ALA A 105 5.56 -2.92 -8.82
C ALA A 105 5.81 -2.31 -7.44
N PRO A 106 6.84 -2.81 -6.75
CA PRO A 106 7.21 -2.34 -5.41
C PRO A 106 7.78 -0.92 -5.44
N VAL A 107 6.92 0.07 -5.27
CA VAL A 107 7.34 1.46 -5.27
C VAL A 107 8.06 1.82 -3.97
N GLU A 108 9.20 2.49 -4.10
CA GLU A 108 9.99 2.88 -2.92
C GLU A 108 10.09 4.40 -2.84
N THR A 109 9.32 5.00 -1.94
CA THR A 109 9.31 6.44 -1.76
C THR A 109 10.24 6.85 -0.62
N GLU A 110 10.68 8.10 -0.64
CA GLU A 110 11.58 8.62 0.39
C GLU A 110 11.02 8.35 1.78
N LEU A 111 9.69 8.35 1.89
CA LEU A 111 9.02 8.12 3.16
C LEU A 111 9.00 6.62 3.50
N GLY A 112 8.74 5.80 2.48
CA GLY A 112 8.70 4.36 2.68
C GLY A 112 8.27 3.62 1.44
N VAL A 113 8.13 2.31 1.56
CA VAL A 113 7.71 1.46 0.43
C VAL A 113 6.25 1.09 0.53
N HIS A 114 5.60 0.94 -0.62
CA HIS A 114 4.19 0.57 -0.66
C HIS A 114 3.81 0.02 -2.02
N LEU A 115 2.72 -0.74 -2.08
CA LEU A 115 2.25 -1.33 -3.33
C LEU A 115 0.86 -0.80 -3.69
N ILE A 116 0.45 -1.05 -4.93
CA ILE A 116 -0.85 -0.60 -5.40
C ILE A 116 -1.65 -1.76 -5.98
N TYR A 117 -2.97 -1.63 -5.96
CA TYR A 117 -3.86 -2.67 -6.49
C TYR A 117 -5.04 -2.06 -7.23
N ARG A 118 -5.18 -2.41 -8.50
CA ARG A 118 -6.28 -1.89 -9.31
C ARG A 118 -7.57 -2.64 -9.01
N VAL A 119 -8.63 -1.89 -8.70
CA VAL A 119 -9.92 -2.47 -8.39
C VAL A 119 -10.76 -2.66 -9.65
N GLU A 120 -11.38 -3.83 -9.78
CA GLU A 120 -12.21 -4.14 -10.94
C GLU A 120 -13.56 -3.44 -10.85
N PRO A 1 -10.50 15.92 -13.72
CA PRO A 1 -10.70 15.53 -15.12
C PRO A 1 -10.72 14.01 -15.29
N THR A 2 -9.78 13.34 -14.63
CA THR A 2 -9.69 11.88 -14.72
C THR A 2 -9.11 11.29 -13.43
N GLU A 3 -9.93 10.52 -12.72
CA GLU A 3 -9.49 9.90 -11.47
C GLU A 3 -9.75 8.40 -11.50
N ARG A 4 -8.88 7.65 -10.83
CA ARG A 4 -9.00 6.19 -10.78
C ARG A 4 -9.28 5.72 -9.35
N HIS A 5 -9.79 4.50 -9.24
CA HIS A 5 -10.11 3.93 -7.93
C HIS A 5 -9.31 2.65 -7.69
N PHE A 6 -8.34 2.73 -6.78
CA PHE A 6 -7.50 1.58 -6.45
C PHE A 6 -7.06 1.63 -4.99
N TYR A 7 -6.42 0.56 -4.55
CA TYR A 7 -5.94 0.47 -3.16
C TYR A 7 -4.43 0.41 -3.11
N HIS A 8 -3.87 0.44 -1.91
CA HIS A 8 -2.43 0.39 -1.71
C HIS A 8 -2.08 -0.09 -0.31
N VAL A 9 -0.85 -0.56 -0.14
CA VAL A 9 -0.40 -1.04 1.16
C VAL A 9 0.87 -0.32 1.61
N LEU A 10 0.74 0.49 2.65
CA LEU A 10 1.88 1.24 3.17
C LEU A 10 2.62 0.44 4.24
N VAL A 11 3.90 0.17 3.99
CA VAL A 11 4.72 -0.59 4.92
C VAL A 11 6.07 0.10 5.14
N LYS A 12 6.47 0.21 6.41
CA LYS A 12 7.74 0.83 6.76
C LYS A 12 8.48 0.02 7.80
N HIS A 13 9.58 0.56 8.31
CA HIS A 13 10.39 -0.11 9.32
C HIS A 13 11.05 0.89 10.26
N LYS A 14 11.66 0.38 11.32
CA LYS A 14 12.33 1.24 12.29
C LYS A 14 13.66 1.75 11.75
N ASP A 15 14.04 1.25 10.57
CA ASP A 15 15.29 1.66 9.94
C ASP A 15 15.02 2.71 8.86
N VAL A 16 13.93 3.45 9.02
CA VAL A 16 13.57 4.50 8.06
C VAL A 16 13.92 5.88 8.60
N ARG A 17 13.54 6.91 7.85
CA ARG A 17 13.81 8.29 8.25
C ARG A 17 12.83 8.74 9.34
N ARG A 18 11.59 8.27 9.23
CA ARG A 18 10.56 8.63 10.19
C ARG A 18 9.67 7.43 10.52
N PRO A 19 10.21 6.48 11.28
CA PRO A 19 9.49 5.27 11.68
C PRO A 19 8.36 5.56 12.66
N SER A 20 7.23 6.03 12.14
CA SER A 20 6.08 6.35 12.97
C SER A 20 4.78 6.22 12.17
N SER A 21 3.70 5.89 12.87
CA SER A 21 2.39 5.75 12.22
C SER A 21 1.46 6.90 12.60
N LEU A 22 0.67 7.33 11.63
CA LEU A 22 -0.28 8.43 11.85
C LEU A 22 -1.69 7.91 12.04
N ALA A 23 -1.90 7.17 13.12
CA ALA A 23 -3.22 6.61 13.42
C ALA A 23 -3.93 7.43 14.50
N PRO A 24 -5.26 7.27 14.59
CA PRO A 24 -6.08 7.98 15.57
C PRO A 24 -5.83 7.50 16.99
N ARG A 25 -5.46 6.24 17.14
CA ARG A 25 -5.19 5.65 18.45
C ARG A 25 -3.69 5.56 18.70
N ASN A 26 -2.91 5.64 17.62
CA ASN A 26 -1.45 5.56 17.73
C ASN A 26 -0.79 6.74 17.03
N LYS A 27 -1.39 7.91 17.17
CA LYS A 27 -0.85 9.13 16.55
C LYS A 27 0.46 9.54 17.21
N GLY A 28 1.47 9.78 16.39
CA GLY A 28 2.77 10.18 16.91
C GLY A 28 3.47 9.06 17.66
N GLU A 29 2.91 7.85 17.56
CA GLU A 29 3.48 6.69 18.25
C GLU A 29 4.45 5.94 17.33
N LYS A 30 5.58 5.51 17.89
CA LYS A 30 6.58 4.78 17.12
C LYS A 30 6.15 3.32 16.93
N ILE A 31 6.65 2.71 15.87
CA ILE A 31 6.33 1.32 15.57
C ILE A 31 7.51 0.40 15.87
N THR A 32 7.25 -0.69 16.59
CA THR A 32 8.28 -1.64 16.95
C THR A 32 8.49 -2.66 15.85
N ARG A 33 8.72 -2.18 14.63
CA ARG A 33 8.93 -3.06 13.48
C ARG A 33 10.38 -3.00 13.02
N SER A 34 10.74 -3.88 12.11
CA SER A 34 12.10 -3.95 11.58
C SER A 34 12.09 -3.97 10.05
N ARG A 35 13.26 -3.76 9.46
CA ARG A 35 13.40 -3.75 8.01
C ARG A 35 12.89 -5.06 7.41
N ALA A 36 13.04 -6.15 8.17
CA ALA A 36 12.59 -7.46 7.72
C ALA A 36 11.07 -7.57 7.73
N ASP A 37 10.45 -6.81 8.63
CA ASP A 37 9.00 -6.82 8.75
C ASP A 37 8.35 -5.97 7.65
N ALA A 38 9.12 -5.05 7.09
CA ALA A 38 8.64 -4.18 6.04
C ALA A 38 8.49 -4.94 4.71
N ILE A 39 9.59 -5.56 4.27
CA ILE A 39 9.58 -6.32 3.03
C ILE A 39 8.71 -7.56 3.15
N ASN A 40 8.91 -8.31 4.22
CA ASN A 40 8.15 -9.53 4.46
C ASN A 40 6.64 -9.24 4.40
N LEU A 41 6.27 -8.02 4.75
CA LEU A 41 4.86 -7.62 4.75
C LEU A 41 4.33 -7.53 3.32
N ALA A 42 4.96 -6.68 2.53
CA ALA A 42 4.55 -6.50 1.13
C ALA A 42 4.73 -7.78 0.33
N GLN A 43 5.77 -8.54 0.66
CA GLN A 43 6.06 -9.79 -0.03
C GLN A 43 5.03 -10.86 0.34
N ALA A 44 4.69 -10.94 1.62
CA ALA A 44 3.72 -11.91 2.10
C ALA A 44 2.38 -11.74 1.39
N ILE A 45 2.12 -10.52 0.91
CA ILE A 45 0.88 -10.23 0.21
C ILE A 45 0.92 -10.73 -1.22
N LEU A 46 1.86 -10.21 -2.00
CA LEU A 46 2.02 -10.61 -3.39
C LEU A 46 2.18 -12.13 -3.51
N ALA A 47 2.68 -12.75 -2.45
CA ALA A 47 2.88 -14.20 -2.44
C ALA A 47 1.73 -14.90 -1.74
N GLN A 48 0.89 -14.12 -1.07
CA GLN A 48 -0.26 -14.67 -0.35
C GLN A 48 -1.13 -15.51 -1.28
N HIS A 49 -1.06 -15.22 -2.57
CA HIS A 49 -1.84 -15.94 -3.56
C HIS A 49 -0.94 -16.73 -4.51
N LYS A 50 0.26 -17.07 -4.03
CA LYS A 50 1.22 -17.82 -4.82
C LYS A 50 0.58 -19.10 -5.39
N GLU A 51 1.32 -19.78 -6.25
CA GLU A 51 0.83 -21.02 -6.86
C GLU A 51 -0.41 -20.75 -7.71
N ARG A 52 -0.63 -19.48 -8.04
CA ARG A 52 -1.78 -19.09 -8.85
C ARG A 52 -1.52 -17.78 -9.58
N LYS A 53 -2.36 -17.47 -10.54
CA LYS A 53 -2.22 -16.23 -11.32
C LYS A 53 -3.54 -15.47 -11.39
N THR A 54 -4.00 -14.99 -10.23
CA THR A 54 -5.25 -14.26 -10.16
C THR A 54 -5.34 -13.46 -8.87
N TRP A 55 -5.25 -12.14 -8.98
CA TRP A 55 -5.32 -11.26 -7.81
C TRP A 55 -6.74 -10.77 -7.59
N SER A 56 -7.39 -11.29 -6.56
CA SER A 56 -8.76 -10.90 -6.25
C SER A 56 -8.79 -9.57 -5.51
N LEU A 57 -9.89 -8.83 -5.67
CA LEU A 57 -10.04 -7.53 -5.03
C LEU A 57 -10.25 -7.70 -3.53
N ASP A 58 -11.36 -8.31 -3.15
CA ASP A 58 -11.68 -8.54 -1.75
C ASP A 58 -10.53 -9.24 -1.03
N GLU A 59 -9.72 -9.96 -1.80
CA GLU A 59 -8.58 -10.68 -1.24
C GLU A 59 -7.48 -9.72 -0.80
N PHE A 60 -7.35 -8.61 -1.53
CA PHE A 60 -6.35 -7.61 -1.21
C PHE A 60 -6.84 -6.66 -0.11
N VAL A 61 -8.07 -6.19 -0.26
CA VAL A 61 -8.66 -5.28 0.72
C VAL A 61 -8.52 -5.83 2.14
N GLN A 62 -8.50 -7.15 2.26
CA GLN A 62 -8.35 -7.80 3.56
C GLN A 62 -6.93 -7.65 4.10
N VAL A 63 -5.95 -7.79 3.21
CA VAL A 63 -4.55 -7.67 3.60
C VAL A 63 -4.13 -6.20 3.67
N VAL A 64 -4.90 -5.34 3.02
CA VAL A 64 -4.61 -3.90 3.02
C VAL A 64 -4.71 -3.31 4.42
N ARG A 65 -5.87 -3.51 5.05
CA ARG A 65 -6.09 -3.00 6.40
C ARG A 65 -5.38 -3.86 7.44
N ASP A 66 -4.75 -4.94 6.97
CA ASP A 66 -4.03 -5.85 7.86
C ASP A 66 -2.53 -5.62 7.74
N PHE A 67 -2.11 -5.00 6.65
CA PHE A 67 -0.69 -4.72 6.42
C PHE A 67 -0.43 -3.22 6.38
N SER A 68 -1.13 -2.52 5.50
CA SER A 68 -0.97 -1.08 5.36
C SER A 68 -1.03 -0.39 6.73
N GLU A 69 -0.15 0.58 6.93
CA GLU A 69 -0.09 1.32 8.18
C GLU A 69 -0.53 2.77 7.99
N CYS A 70 -0.99 3.09 6.78
CA CYS A 70 -1.43 4.44 6.47
C CYS A 70 -2.86 4.66 6.96
N GLY A 71 -2.99 5.01 8.24
CA GLY A 71 -4.31 5.24 8.80
C GLY A 71 -5.26 4.09 8.56
N SER A 72 -4.99 2.95 9.16
CA SER A 72 -5.82 1.77 8.99
C SER A 72 -7.27 2.08 9.33
N ALA A 73 -7.47 2.86 10.40
CA ALA A 73 -8.82 3.24 10.82
C ALA A 73 -9.29 4.49 10.09
N LYS A 74 -8.36 5.15 9.40
CA LYS A 74 -8.69 6.37 8.66
C LYS A 74 -9.17 6.03 7.25
N ARG A 75 -8.29 5.44 6.46
CA ARG A 75 -8.62 5.08 5.08
C ARG A 75 -8.49 3.58 4.88
N ASP A 76 -7.95 2.89 5.88
CA ASP A 76 -7.76 1.44 5.81
C ASP A 76 -6.94 1.06 4.59
N GLY A 77 -5.86 1.82 4.35
CA GLY A 77 -5.01 1.54 3.20
C GLY A 77 -5.76 1.56 1.89
N ASP A 78 -6.91 2.22 1.88
CA ASP A 78 -7.73 2.31 0.68
C ASP A 78 -7.70 3.73 0.11
N LEU A 79 -7.39 3.83 -1.18
CA LEU A 79 -7.33 5.12 -1.85
C LEU A 79 -8.68 5.47 -2.50
N GLY A 80 -8.90 6.77 -2.69
CA GLY A 80 -10.14 7.21 -3.30
C GLY A 80 -9.92 7.85 -4.67
N MET A 81 -10.92 8.59 -5.13
CA MET A 81 -10.84 9.26 -6.43
C MET A 81 -9.61 10.16 -6.49
N VAL A 82 -8.54 9.68 -7.11
CA VAL A 82 -7.32 10.45 -7.24
C VAL A 82 -6.99 10.72 -8.70
N GLU A 83 -6.62 11.95 -9.00
CA GLU A 83 -6.28 12.35 -10.37
C GLU A 83 -4.77 12.32 -10.58
N SER A 84 -4.36 12.23 -11.85
CA SER A 84 -2.94 12.20 -12.18
C SER A 84 -2.24 13.47 -11.73
N GLY A 85 -1.22 13.32 -10.88
CA GLY A 85 -0.49 14.47 -10.39
C GLY A 85 -0.70 14.69 -8.90
N THR A 86 -1.32 13.73 -8.24
CA THR A 86 -1.60 13.83 -6.82
C THR A 86 -0.54 13.10 -6.00
N TYR A 87 -0.15 11.92 -6.47
CA TYR A 87 0.86 11.13 -5.77
C TYR A 87 2.26 11.46 -6.28
N THR A 88 3.25 10.74 -5.77
CA THR A 88 4.64 10.96 -6.17
C THR A 88 4.99 10.14 -7.41
N GLU A 89 6.06 10.55 -8.09
CA GLU A 89 6.49 9.86 -9.30
C GLU A 89 6.66 8.36 -9.05
N GLY A 90 6.21 7.55 -10.00
CA GLY A 90 6.32 6.11 -9.86
C GLY A 90 5.04 5.49 -9.34
N PHE A 91 4.32 6.23 -8.51
CA PHE A 91 3.07 5.74 -7.94
C PHE A 91 1.88 6.09 -8.84
N ASP A 92 1.65 7.38 -9.03
CA ASP A 92 0.56 7.85 -9.86
C ASP A 92 0.74 7.39 -11.30
N THR A 93 1.98 7.04 -11.65
CA THR A 93 2.28 6.58 -13.01
C THR A 93 1.81 5.15 -13.23
N VAL A 94 2.05 4.29 -12.23
CA VAL A 94 1.66 2.90 -12.31
C VAL A 94 0.21 2.71 -11.87
N ALA A 95 -0.14 3.30 -10.74
CA ALA A 95 -1.51 3.20 -10.21
C ALA A 95 -2.53 3.54 -11.29
N PHE A 96 -2.24 4.58 -12.07
CA PHE A 96 -3.14 5.00 -13.14
C PHE A 96 -2.97 4.14 -14.37
N SER A 97 -1.79 3.52 -14.51
CA SER A 97 -1.50 2.67 -15.66
C SER A 97 -1.43 1.20 -15.23
N LEU A 98 -2.26 0.84 -14.26
CA LEU A 98 -2.31 -0.53 -13.77
C LEU A 98 -3.40 -1.33 -14.47
N LYS A 99 -3.31 -2.65 -14.38
CA LYS A 99 -4.29 -3.53 -15.01
C LYS A 99 -5.34 -4.00 -14.00
N SER A 100 -6.57 -4.13 -14.45
CA SER A 100 -7.66 -4.56 -13.59
C SER A 100 -7.35 -5.90 -12.94
N GLY A 101 -7.19 -5.89 -11.62
CA GLY A 101 -6.88 -7.11 -10.90
C GLY A 101 -5.40 -7.44 -10.92
N GLU A 102 -4.57 -6.41 -10.98
CA GLU A 102 -3.12 -6.58 -11.00
C GLU A 102 -2.44 -5.65 -10.02
N VAL A 103 -1.38 -6.13 -9.38
CA VAL A 103 -0.63 -5.34 -8.41
C VAL A 103 0.57 -4.67 -9.06
N SER A 104 0.81 -3.42 -8.68
CA SER A 104 1.93 -2.67 -9.23
C SER A 104 3.26 -3.12 -8.61
N ALA A 105 4.36 -2.62 -9.15
CA ALA A 105 5.68 -2.97 -8.65
C ALA A 105 5.92 -2.39 -7.27
N PRO A 106 6.93 -2.93 -6.56
CA PRO A 106 7.28 -2.48 -5.21
C PRO A 106 7.88 -1.08 -5.20
N VAL A 107 7.04 -0.07 -5.08
CA VAL A 107 7.49 1.31 -5.05
C VAL A 107 8.15 1.66 -3.72
N GLU A 108 9.41 2.09 -3.78
CA GLU A 108 10.15 2.44 -2.58
C GLU A 108 10.35 3.95 -2.49
N THR A 109 9.57 4.60 -1.63
CA THR A 109 9.65 6.04 -1.45
C THR A 109 10.65 6.40 -0.35
N GLU A 110 11.15 7.63 -0.39
CA GLU A 110 12.12 8.10 0.60
C GLU A 110 11.56 7.93 2.01
N LEU A 111 10.23 7.93 2.12
CA LEU A 111 9.58 7.79 3.42
C LEU A 111 9.35 6.32 3.75
N GLY A 112 9.07 5.52 2.73
CA GLY A 112 8.84 4.10 2.94
C GLY A 112 8.39 3.40 1.68
N VAL A 113 8.29 2.07 1.75
CA VAL A 113 7.87 1.27 0.60
C VAL A 113 6.38 0.92 0.68
N HIS A 114 5.74 0.82 -0.48
CA HIS A 114 4.33 0.49 -0.54
C HIS A 114 3.95 -0.06 -1.91
N LEU A 115 2.82 -0.75 -1.98
CA LEU A 115 2.36 -1.33 -3.24
C LEU A 115 0.97 -0.78 -3.61
N ILE A 116 0.55 -1.03 -4.84
CA ILE A 116 -0.74 -0.56 -5.31
C ILE A 116 -1.55 -1.71 -5.91
N TYR A 117 -2.87 -1.57 -5.89
CA TYR A 117 -3.76 -2.60 -6.44
C TYR A 117 -4.92 -1.97 -7.19
N ARG A 118 -5.07 -2.35 -8.46
CA ARG A 118 -6.13 -1.81 -9.30
C ARG A 118 -7.45 -2.51 -9.00
N VAL A 119 -8.48 -1.73 -8.71
CA VAL A 119 -9.80 -2.27 -8.41
C VAL A 119 -10.64 -2.40 -9.67
N GLU A 120 -11.20 -3.59 -9.89
CA GLU A 120 -12.03 -3.85 -11.06
C GLU A 120 -13.15 -2.82 -11.17
N PRO A 1 -10.16 15.93 -14.13
CA PRO A 1 -10.38 15.52 -15.52
C PRO A 1 -10.38 14.00 -15.69
N THR A 2 -9.38 13.35 -15.12
CA THR A 2 -9.26 11.90 -15.21
C THR A 2 -8.68 11.32 -13.93
N GLU A 3 -9.45 10.47 -13.26
CA GLU A 3 -9.00 9.84 -12.03
C GLU A 3 -9.35 8.35 -12.01
N ARG A 4 -8.67 7.60 -11.16
CA ARG A 4 -8.91 6.17 -11.05
C ARG A 4 -9.19 5.76 -9.60
N HIS A 5 -9.70 4.55 -9.41
CA HIS A 5 -10.01 4.05 -8.08
C HIS A 5 -9.25 2.76 -7.79
N PHE A 6 -8.27 2.85 -6.90
CA PHE A 6 -7.46 1.70 -6.52
C PHE A 6 -7.00 1.79 -5.08
N TYR A 7 -6.36 0.73 -4.60
CA TYR A 7 -5.87 0.70 -3.22
C TYR A 7 -4.34 0.64 -3.19
N HIS A 8 -3.78 0.75 -1.99
CA HIS A 8 -2.33 0.71 -1.82
C HIS A 8 -1.96 0.27 -0.40
N VAL A 9 -0.76 -0.26 -0.24
CA VAL A 9 -0.28 -0.71 1.05
C VAL A 9 1.00 0.02 1.46
N LEU A 10 0.91 0.81 2.52
CA LEU A 10 2.06 1.57 3.01
C LEU A 10 2.80 0.79 4.10
N VAL A 11 4.04 0.43 3.82
CA VAL A 11 4.86 -0.31 4.77
C VAL A 11 6.14 0.45 5.11
N LYS A 12 6.31 0.77 6.38
CA LYS A 12 7.49 1.49 6.85
C LYS A 12 8.29 0.66 7.84
N HIS A 13 9.38 1.22 8.34
CA HIS A 13 10.23 0.53 9.31
C HIS A 13 10.82 1.51 10.32
N LYS A 14 11.52 0.99 11.32
CA LYS A 14 12.13 1.82 12.35
C LYS A 14 13.39 2.49 11.83
N ASP A 15 13.76 2.17 10.60
CA ASP A 15 14.95 2.75 9.98
C ASP A 15 14.57 3.88 9.02
N VAL A 16 13.38 4.44 9.23
CA VAL A 16 12.90 5.53 8.38
C VAL A 16 13.06 6.88 9.08
N ARG A 17 12.53 7.93 8.46
CA ARG A 17 12.62 9.27 9.01
C ARG A 17 11.54 9.49 10.07
N ARG A 18 10.38 8.91 9.85
CA ARG A 18 9.26 9.05 10.78
C ARG A 18 8.60 7.70 11.03
N PRO A 19 9.31 6.81 11.76
CA PRO A 19 8.81 5.48 12.09
C PRO A 19 7.67 5.52 13.08
N SER A 20 6.47 5.82 12.59
CA SER A 20 5.29 5.90 13.45
C SER A 20 4.02 5.71 12.63
N SER A 21 2.93 5.36 13.32
CA SER A 21 1.65 5.13 12.65
C SER A 21 0.59 6.09 13.19
N LEU A 22 -0.21 6.66 12.29
CA LEU A 22 -1.26 7.59 12.67
C LEU A 22 -2.59 6.87 12.82
N ALA A 23 -2.66 5.99 13.81
CA ALA A 23 -3.89 5.23 14.07
C ALA A 23 -4.63 5.79 15.29
N PRO A 24 -5.92 5.44 15.40
CA PRO A 24 -6.77 5.90 16.50
C PRO A 24 -6.38 5.28 17.83
N ARG A 25 -5.79 4.09 17.77
CA ARG A 25 -5.37 3.37 18.97
C ARG A 25 -3.87 3.50 19.17
N ASN A 26 -3.15 3.80 18.10
CA ASN A 26 -1.70 3.94 18.16
C ASN A 26 -1.27 5.32 17.68
N LYS A 27 -2.09 6.32 17.96
CA LYS A 27 -1.81 7.70 17.56
C LYS A 27 -0.50 8.18 18.18
N GLY A 28 0.40 8.66 17.34
CA GLY A 28 1.68 9.16 17.82
C GLY A 28 2.56 8.04 18.36
N GLU A 29 2.16 6.80 18.12
CA GLU A 29 2.91 5.64 18.59
C GLU A 29 3.89 5.16 17.52
N LYS A 30 5.13 4.94 17.91
CA LYS A 30 6.16 4.47 16.99
C LYS A 30 6.00 2.98 16.71
N ILE A 31 6.21 2.58 15.46
CA ILE A 31 6.09 1.19 15.06
C ILE A 31 7.37 0.43 15.36
N THR A 32 7.24 -0.68 16.09
CA THR A 32 8.39 -1.50 16.46
C THR A 32 8.69 -2.51 15.36
N ARG A 33 8.86 -2.02 14.13
CA ARG A 33 9.16 -2.88 12.99
C ARG A 33 10.52 -2.55 12.41
N SER A 34 11.14 -3.53 11.76
CA SER A 34 12.45 -3.34 11.16
C SER A 34 12.35 -3.29 9.63
N ARG A 35 13.40 -2.82 8.99
CA ARG A 35 13.43 -2.71 7.53
C ARG A 35 13.06 -4.04 6.89
N ALA A 36 13.40 -5.13 7.56
CA ALA A 36 13.09 -6.48 7.05
C ALA A 36 11.60 -6.75 7.11
N ASP A 37 10.95 -6.26 8.16
CA ASP A 37 9.51 -6.46 8.32
C ASP A 37 8.73 -5.63 7.31
N ALA A 38 9.37 -4.61 6.75
CA ALA A 38 8.74 -3.75 5.76
C ALA A 38 8.58 -4.47 4.43
N ILE A 39 9.64 -5.15 4.00
CA ILE A 39 9.62 -5.87 2.73
C ILE A 39 8.80 -7.15 2.85
N ASN A 40 9.06 -7.93 3.89
CA ASN A 40 8.35 -9.17 4.12
C ASN A 40 6.85 -8.95 4.18
N LEU A 41 6.45 -7.72 4.52
CA LEU A 41 5.05 -7.37 4.61
C LEU A 41 4.42 -7.25 3.23
N ALA A 42 4.96 -6.34 2.41
CA ALA A 42 4.47 -6.14 1.06
C ALA A 42 4.64 -7.39 0.21
N GLN A 43 5.71 -8.13 0.48
CA GLN A 43 5.99 -9.35 -0.27
C GLN A 43 5.03 -10.46 0.13
N ALA A 44 4.80 -10.61 1.42
CA ALA A 44 3.89 -11.64 1.93
C ALA A 44 2.52 -11.53 1.26
N ILE A 45 2.15 -10.32 0.87
CA ILE A 45 0.86 -10.09 0.22
C ILE A 45 0.88 -10.58 -1.22
N LEU A 46 1.78 -10.02 -2.02
CA LEU A 46 1.90 -10.40 -3.42
C LEU A 46 2.10 -11.91 -3.56
N ALA A 47 2.67 -12.52 -2.53
CA ALA A 47 2.91 -13.96 -2.53
C ALA A 47 1.79 -14.71 -1.81
N GLN A 48 0.96 -13.97 -1.09
CA GLN A 48 -0.15 -14.56 -0.35
C GLN A 48 -1.03 -15.39 -1.27
N HIS A 49 -1.03 -15.04 -2.56
CA HIS A 49 -1.82 -15.76 -3.55
C HIS A 49 -0.93 -16.48 -4.56
N LYS A 50 0.29 -16.78 -4.14
CA LYS A 50 1.24 -17.47 -5.00
C LYS A 50 0.62 -18.72 -5.62
N GLU A 51 1.28 -19.26 -6.64
CA GLU A 51 0.78 -20.46 -7.31
C GLU A 51 -0.62 -20.23 -7.89
N ARG A 52 -0.98 -18.95 -8.05
CA ARG A 52 -2.28 -18.59 -8.60
C ARG A 52 -2.22 -17.25 -9.30
N LYS A 53 -2.78 -17.19 -10.51
CA LYS A 53 -2.80 -15.96 -11.30
C LYS A 53 -4.15 -15.28 -11.22
N THR A 54 -4.52 -14.83 -10.02
CA THR A 54 -5.79 -14.16 -9.81
C THR A 54 -5.79 -13.37 -8.51
N TRP A 55 -5.79 -12.04 -8.63
CA TRP A 55 -5.78 -11.17 -7.47
C TRP A 55 -7.19 -10.65 -7.16
N SER A 56 -7.78 -11.18 -6.08
CA SER A 56 -9.12 -10.77 -5.68
C SER A 56 -9.11 -9.40 -5.03
N LEU A 57 -10.23 -8.70 -5.12
CA LEU A 57 -10.36 -7.36 -4.54
C LEU A 57 -10.53 -7.45 -3.03
N ASP A 58 -11.67 -7.99 -2.59
CA ASP A 58 -11.94 -8.13 -1.16
C ASP A 58 -10.79 -8.80 -0.45
N GLU A 59 -10.02 -9.59 -1.19
CA GLU A 59 -8.88 -10.31 -0.62
C GLU A 59 -7.75 -9.34 -0.27
N PHE A 60 -7.54 -8.35 -1.12
CA PHE A 60 -6.49 -7.36 -0.91
C PHE A 60 -6.93 -6.33 0.13
N VAL A 61 -8.21 -6.00 0.13
CA VAL A 61 -8.76 -5.02 1.07
C VAL A 61 -8.62 -5.52 2.51
N GLN A 62 -8.51 -6.84 2.67
CA GLN A 62 -8.37 -7.43 3.99
C GLN A 62 -6.93 -7.34 4.48
N VAL A 63 -5.99 -7.52 3.56
CA VAL A 63 -4.57 -7.47 3.89
C VAL A 63 -4.06 -6.03 3.87
N VAL A 64 -4.71 -5.19 3.08
CA VAL A 64 -4.33 -3.78 2.97
C VAL A 64 -4.60 -3.04 4.27
N ARG A 65 -5.66 -3.44 4.97
CA ARG A 65 -6.03 -2.81 6.23
C ARG A 65 -5.29 -3.45 7.40
N ASP A 66 -4.63 -4.57 7.12
CA ASP A 66 -3.87 -5.29 8.15
C ASP A 66 -2.38 -5.09 7.97
N PHE A 67 -1.98 -4.63 6.79
CA PHE A 67 -0.58 -4.39 6.49
C PHE A 67 -0.28 -2.90 6.42
N SER A 68 -0.98 -2.19 5.55
CA SER A 68 -0.79 -0.76 5.38
C SER A 68 -0.86 -0.05 6.73
N GLU A 69 -0.21 1.11 6.82
CA GLU A 69 -0.20 1.89 8.05
C GLU A 69 -0.55 3.35 7.78
N CYS A 70 -0.88 3.65 6.53
CA CYS A 70 -1.23 5.00 6.13
C CYS A 70 -2.64 5.36 6.59
N GLY A 71 -2.83 5.47 7.90
CA GLY A 71 -4.13 5.79 8.45
C GLY A 71 -5.15 4.69 8.22
N SER A 72 -4.97 3.57 8.94
CA SER A 72 -5.87 2.44 8.82
C SER A 72 -7.32 2.86 9.04
N ALA A 73 -7.52 3.72 10.04
CA ALA A 73 -8.86 4.20 10.37
C ALA A 73 -9.21 5.43 9.55
N LYS A 74 -8.22 6.00 8.86
CA LYS A 74 -8.41 7.17 8.04
C LYS A 74 -8.84 6.79 6.62
N ARG A 75 -7.97 6.08 5.91
CA ARG A 75 -8.26 5.65 4.56
C ARG A 75 -8.23 4.13 4.45
N ASP A 76 -7.79 3.49 5.53
CA ASP A 76 -7.72 2.03 5.56
C ASP A 76 -6.93 1.49 4.36
N GLY A 77 -5.83 2.17 4.04
CA GLY A 77 -5.00 1.75 2.92
C GLY A 77 -5.76 1.76 1.61
N ASP A 78 -6.90 2.46 1.59
CA ASP A 78 -7.72 2.56 0.38
C ASP A 78 -7.68 3.97 -0.19
N LEU A 79 -7.25 4.09 -1.44
CA LEU A 79 -7.17 5.39 -2.11
C LEU A 79 -8.52 5.76 -2.72
N GLY A 80 -8.69 7.05 -2.99
CA GLY A 80 -9.93 7.53 -3.58
C GLY A 80 -9.74 8.05 -4.98
N MET A 81 -10.69 8.86 -5.45
CA MET A 81 -10.62 9.43 -6.79
C MET A 81 -9.41 10.34 -6.93
N VAL A 82 -8.30 9.78 -7.39
CA VAL A 82 -7.08 10.54 -7.58
C VAL A 82 -6.78 10.78 -9.05
N GLU A 83 -6.33 11.98 -9.38
CA GLU A 83 -6.02 12.34 -10.76
C GLU A 83 -4.51 12.29 -11.00
N SER A 84 -4.12 11.98 -12.23
CA SER A 84 -2.72 11.90 -12.60
C SER A 84 -1.98 13.18 -12.20
N GLY A 85 -0.97 13.04 -11.37
CA GLY A 85 -0.20 14.19 -10.92
C GLY A 85 -0.39 14.48 -9.46
N THR A 86 -1.01 13.55 -8.73
CA THR A 86 -1.26 13.73 -7.31
C THR A 86 -0.20 13.02 -6.48
N TYR A 87 0.28 11.88 -6.98
CA TYR A 87 1.31 11.11 -6.27
C TYR A 87 2.67 11.31 -6.92
N THR A 88 3.66 10.57 -6.43
CA THR A 88 5.02 10.66 -6.96
C THR A 88 5.21 9.73 -8.15
N GLU A 89 6.17 10.07 -9.00
CA GLU A 89 6.45 9.25 -10.18
C GLU A 89 6.63 7.78 -9.81
N GLY A 90 6.21 6.90 -10.70
CA GLY A 90 6.34 5.47 -10.45
C GLY A 90 5.09 4.89 -9.82
N PHE A 91 4.36 5.71 -9.06
CA PHE A 91 3.14 5.27 -8.39
C PHE A 91 1.93 5.49 -9.29
N ASP A 92 1.71 6.75 -9.67
CA ASP A 92 0.58 7.09 -10.53
C ASP A 92 0.73 6.46 -11.91
N THR A 93 1.95 6.51 -12.44
CA THR A 93 2.23 5.95 -13.76
C THR A 93 1.74 4.50 -13.85
N VAL A 94 1.95 3.75 -12.79
CA VAL A 94 1.54 2.35 -12.75
C VAL A 94 0.09 2.22 -12.31
N ALA A 95 -0.25 2.86 -11.19
CA ALA A 95 -1.61 2.82 -10.66
C ALA A 95 -2.63 3.15 -11.75
N PHE A 96 -2.37 4.23 -12.48
CA PHE A 96 -3.27 4.67 -13.54
C PHE A 96 -3.16 3.74 -14.76
N SER A 97 -2.04 3.03 -14.84
CA SER A 97 -1.80 2.11 -15.96
C SER A 97 -1.78 0.66 -15.48
N LEU A 98 -2.58 0.37 -14.46
CA LEU A 98 -2.65 -0.98 -13.90
C LEU A 98 -3.81 -1.76 -14.52
N LYS A 99 -3.77 -3.08 -14.37
CA LYS A 99 -4.80 -3.95 -14.90
C LYS A 99 -5.84 -4.29 -13.83
N SER A 100 -7.10 -4.39 -14.23
CA SER A 100 -8.17 -4.73 -13.30
C SER A 100 -7.88 -6.03 -12.57
N GLY A 101 -7.64 -5.94 -11.27
CA GLY A 101 -7.35 -7.11 -10.47
C GLY A 101 -5.89 -7.50 -10.52
N GLU A 102 -5.02 -6.50 -10.70
CA GLU A 102 -3.58 -6.74 -10.76
C GLU A 102 -2.83 -5.79 -9.84
N VAL A 103 -1.75 -6.29 -9.23
CA VAL A 103 -0.95 -5.48 -8.33
C VAL A 103 0.25 -4.89 -9.05
N SER A 104 0.58 -3.65 -8.72
CA SER A 104 1.70 -2.95 -9.34
C SER A 104 3.03 -3.43 -8.75
N ALA A 105 4.13 -2.96 -9.32
CA ALA A 105 5.45 -3.34 -8.85
C ALA A 105 5.76 -2.72 -7.49
N PRO A 106 6.78 -3.25 -6.81
CA PRO A 106 7.18 -2.76 -5.49
C PRO A 106 7.83 -1.38 -5.55
N VAL A 107 7.02 -0.35 -5.36
CA VAL A 107 7.52 1.03 -5.39
C VAL A 107 8.24 1.39 -4.09
N GLU A 108 9.49 1.82 -4.22
CA GLU A 108 10.28 2.20 -3.06
C GLU A 108 10.56 3.70 -3.05
N THR A 109 9.85 4.43 -2.20
CA THR A 109 10.02 5.87 -2.10
C THR A 109 11.01 6.24 -1.00
N GLU A 110 11.47 7.49 -1.01
CA GLU A 110 12.42 7.96 -0.01
C GLU A 110 11.85 7.81 1.39
N LEU A 111 10.53 7.88 1.50
CA LEU A 111 9.86 7.76 2.78
C LEU A 111 9.70 6.29 3.18
N GLY A 112 9.37 5.46 2.20
CA GLY A 112 9.18 4.04 2.46
C GLY A 112 8.71 3.28 1.24
N VAL A 113 8.43 1.99 1.42
CA VAL A 113 7.96 1.16 0.32
C VAL A 113 6.46 0.93 0.41
N HIS A 114 5.81 0.84 -0.75
CA HIS A 114 4.37 0.62 -0.80
C HIS A 114 3.96 0.02 -2.14
N LEU A 115 2.81 -0.65 -2.17
CA LEU A 115 2.30 -1.26 -3.38
C LEU A 115 0.94 -0.70 -3.76
N ILE A 116 0.48 -1.03 -4.97
CA ILE A 116 -0.82 -0.55 -5.45
C ILE A 116 -1.67 -1.71 -5.96
N TYR A 117 -2.98 -1.54 -5.90
CA TYR A 117 -3.91 -2.57 -6.36
C TYR A 117 -5.07 -1.95 -7.14
N ARG A 118 -5.23 -2.38 -8.38
CA ARG A 118 -6.32 -1.86 -9.22
C ARG A 118 -7.64 -2.53 -8.88
N VAL A 119 -8.67 -1.71 -8.67
CA VAL A 119 -10.00 -2.23 -8.33
C VAL A 119 -10.87 -2.37 -9.57
N GLU A 120 -11.71 -3.40 -9.58
CA GLU A 120 -12.59 -3.65 -10.72
C GLU A 120 -13.53 -2.47 -10.95
N PRO A 1 -10.25 15.80 -14.18
CA PRO A 1 -10.92 15.35 -15.41
C PRO A 1 -11.01 13.83 -15.50
N THR A 2 -9.96 13.15 -15.04
CA THR A 2 -9.91 11.70 -15.07
C THR A 2 -9.20 11.14 -13.84
N GLU A 3 -9.95 10.46 -12.99
CA GLU A 3 -9.39 9.88 -11.77
C GLU A 3 -9.65 8.38 -11.71
N ARG A 4 -8.77 7.65 -11.05
CA ARG A 4 -8.92 6.20 -10.92
C ARG A 4 -9.13 5.80 -9.46
N HIS A 5 -9.65 4.61 -9.25
CA HIS A 5 -9.91 4.11 -7.90
C HIS A 5 -9.13 2.82 -7.64
N PHE A 6 -8.16 2.89 -6.74
CA PHE A 6 -7.34 1.72 -6.40
C PHE A 6 -6.89 1.78 -4.95
N TYR A 7 -6.35 0.67 -4.46
CA TYR A 7 -5.87 0.60 -3.09
C TYR A 7 -4.34 0.59 -3.03
N HIS A 8 -3.80 0.65 -1.82
CA HIS A 8 -2.35 0.65 -1.63
C HIS A 8 -1.98 0.17 -0.23
N VAL A 9 -0.79 -0.40 -0.10
CA VAL A 9 -0.33 -0.91 1.19
C VAL A 9 0.93 -0.17 1.63
N LEU A 10 0.80 0.64 2.69
CA LEU A 10 1.92 1.39 3.22
C LEU A 10 2.69 0.57 4.25
N VAL A 11 3.96 0.29 3.96
CA VAL A 11 4.80 -0.48 4.87
C VAL A 11 6.09 0.27 5.19
N LYS A 12 6.47 0.28 6.46
CA LYS A 12 7.68 0.95 6.89
C LYS A 12 8.46 0.08 7.88
N HIS A 13 9.55 0.64 8.42
CA HIS A 13 10.38 -0.08 9.38
C HIS A 13 11.05 0.89 10.35
N LYS A 14 11.66 0.34 11.40
CA LYS A 14 12.34 1.15 12.39
C LYS A 14 13.66 1.69 11.85
N ASP A 15 14.02 1.24 10.66
CA ASP A 15 15.26 1.69 10.02
C ASP A 15 15.00 2.81 9.04
N VAL A 16 13.91 3.55 9.25
CA VAL A 16 13.55 4.65 8.39
C VAL A 16 13.85 5.99 9.04
N ARG A 17 13.45 7.08 8.38
CA ARG A 17 13.68 8.42 8.91
C ARG A 17 12.65 8.78 9.97
N ARG A 18 11.41 8.33 9.75
CA ARG A 18 10.33 8.62 10.69
C ARG A 18 9.49 7.36 10.93
N PRO A 19 10.07 6.39 11.65
CA PRO A 19 9.39 5.13 11.97
C PRO A 19 8.25 5.32 12.96
N SER A 20 7.09 5.74 12.46
CA SER A 20 5.93 5.96 13.30
C SER A 20 4.64 5.60 12.55
N SER A 21 3.57 5.37 13.31
CA SER A 21 2.28 5.02 12.71
C SER A 21 1.29 6.16 12.87
N LEU A 22 0.90 6.76 11.73
CA LEU A 22 -0.05 7.87 11.74
C LEU A 22 -1.48 7.35 11.77
N ALA A 23 -1.85 6.69 12.86
CA ALA A 23 -3.20 6.16 13.02
C ALA A 23 -3.98 6.93 14.06
N PRO A 24 -5.31 6.78 14.04
CA PRO A 24 -6.21 7.47 14.98
C PRO A 24 -6.07 6.94 16.40
N ARG A 25 -5.71 5.67 16.52
CA ARG A 25 -5.53 5.04 17.83
C ARG A 25 -4.06 4.92 18.20
N ASN A 26 -3.20 5.07 17.20
CA ASN A 26 -1.76 4.97 17.40
C ASN A 26 -1.06 6.23 16.91
N LYS A 27 -1.75 7.36 17.00
CA LYS A 27 -1.18 8.64 16.56
C LYS A 27 0.07 8.98 17.35
N GLY A 28 1.14 9.33 16.64
CA GLY A 28 2.39 9.68 17.30
C GLY A 28 3.03 8.49 17.99
N GLU A 29 2.50 7.29 17.71
CA GLU A 29 3.04 6.08 18.31
C GLU A 29 4.27 5.59 17.55
N LYS A 30 5.20 4.97 18.28
CA LYS A 30 6.43 4.46 17.68
C LYS A 30 6.25 3.00 17.24
N ILE A 31 7.01 2.60 16.23
CA ILE A 31 6.94 1.23 15.73
C ILE A 31 8.22 0.46 16.05
N THR A 32 8.05 -0.74 16.60
CA THR A 32 9.19 -1.57 16.97
C THR A 32 9.45 -2.63 15.90
N ARG A 33 9.07 -2.32 14.67
CA ARG A 33 9.27 -3.25 13.55
C ARG A 33 10.69 -3.16 13.01
N SER A 34 11.00 -4.00 12.03
CA SER A 34 12.32 -4.01 11.42
C SER A 34 12.22 -4.00 9.90
N ARG A 35 13.33 -3.68 9.25
CA ARG A 35 13.37 -3.63 7.79
C ARG A 35 12.82 -4.91 7.18
N ALA A 36 13.15 -6.04 7.80
CA ALA A 36 12.69 -7.34 7.32
C ALA A 36 11.18 -7.45 7.40
N ASP A 37 10.60 -6.83 8.43
CA ASP A 37 9.15 -6.85 8.61
C ASP A 37 8.45 -5.97 7.59
N ALA A 38 9.19 -4.99 7.06
CA ALA A 38 8.64 -4.08 6.08
C ALA A 38 8.44 -4.77 4.73
N ILE A 39 9.54 -5.28 4.18
CA ILE A 39 9.48 -5.98 2.89
C ILE A 39 8.63 -7.24 2.98
N ASN A 40 8.90 -8.05 4.01
CA ASN A 40 8.16 -9.29 4.21
C ASN A 40 6.65 -9.04 4.19
N LEU A 41 6.25 -7.84 4.60
CA LEU A 41 4.84 -7.47 4.63
C LEU A 41 4.27 -7.41 3.22
N ALA A 42 4.83 -6.52 2.40
CA ALA A 42 4.38 -6.36 1.03
C ALA A 42 4.57 -7.65 0.23
N GLN A 43 5.68 -8.34 0.48
CA GLN A 43 5.98 -9.57 -0.21
C GLN A 43 4.99 -10.67 0.17
N ALA A 44 4.73 -10.79 1.47
CA ALA A 44 3.79 -11.80 1.97
C ALA A 44 2.46 -11.72 1.24
N ILE A 45 2.04 -10.51 0.91
CA ILE A 45 0.78 -10.30 0.20
C ILE A 45 0.86 -10.82 -1.23
N LEU A 46 1.87 -10.36 -1.97
CA LEU A 46 2.06 -10.77 -3.35
C LEU A 46 2.16 -12.29 -3.46
N ALA A 47 2.63 -12.92 -2.38
CA ALA A 47 2.78 -14.37 -2.35
C ALA A 47 1.58 -15.02 -1.68
N GLN A 48 0.70 -14.19 -1.11
CA GLN A 48 -0.48 -14.70 -0.44
C GLN A 48 -1.42 -15.40 -1.42
N HIS A 49 -1.40 -14.95 -2.67
CA HIS A 49 -2.25 -15.53 -3.71
C HIS A 49 -1.44 -16.44 -4.62
N LYS A 50 -0.37 -17.02 -4.07
CA LYS A 50 0.49 -17.92 -4.83
C LYS A 50 -0.29 -19.13 -5.33
N GLU A 51 0.35 -19.94 -6.16
CA GLU A 51 -0.28 -21.13 -6.71
C GLU A 51 -1.46 -20.76 -7.61
N ARG A 52 -1.51 -19.49 -8.00
CA ARG A 52 -2.59 -19.00 -8.86
C ARG A 52 -2.37 -17.54 -9.23
N LYS A 53 -2.42 -17.24 -10.51
CA LYS A 53 -2.23 -15.88 -11.00
C LYS A 53 -3.55 -15.12 -11.03
N THR A 54 -4.13 -14.89 -9.85
CA THR A 54 -5.40 -14.18 -9.75
C THR A 54 -5.46 -13.36 -8.46
N TRP A 55 -5.40 -12.04 -8.60
CA TRP A 55 -5.44 -11.15 -7.45
C TRP A 55 -6.87 -10.67 -7.19
N SER A 56 -7.49 -11.22 -6.15
CA SER A 56 -8.86 -10.86 -5.80
C SER A 56 -8.90 -9.49 -5.15
N LEU A 57 -10.06 -8.84 -5.23
CA LEU A 57 -10.24 -7.51 -4.66
C LEU A 57 -10.47 -7.59 -3.14
N ASP A 58 -11.61 -8.15 -2.76
CA ASP A 58 -11.95 -8.30 -1.35
C ASP A 58 -10.82 -8.98 -0.59
N GLU A 59 -10.01 -9.75 -1.30
CA GLU A 59 -8.88 -10.45 -0.69
C GLU A 59 -7.77 -9.47 -0.31
N PHE A 60 -7.51 -8.51 -1.19
CA PHE A 60 -6.47 -7.51 -0.94
C PHE A 60 -6.94 -6.49 0.08
N VAL A 61 -8.24 -6.18 0.06
CA VAL A 61 -8.81 -5.22 0.99
C VAL A 61 -8.69 -5.70 2.43
N GLN A 62 -8.59 -7.01 2.60
CA GLN A 62 -8.47 -7.60 3.93
C GLN A 62 -7.04 -7.52 4.43
N VAL A 63 -6.08 -7.72 3.53
CA VAL A 63 -4.67 -7.67 3.88
C VAL A 63 -4.16 -6.23 3.88
N VAL A 64 -4.78 -5.38 3.07
CA VAL A 64 -4.39 -3.99 2.99
C VAL A 64 -4.70 -3.25 4.27
N ARG A 65 -5.75 -3.68 4.96
CA ARG A 65 -6.15 -3.06 6.21
C ARG A 65 -5.41 -3.69 7.40
N ASP A 66 -4.76 -4.82 7.15
CA ASP A 66 -4.01 -5.51 8.18
C ASP A 66 -2.51 -5.31 8.00
N PHE A 67 -2.13 -4.83 6.82
CA PHE A 67 -0.72 -4.59 6.51
C PHE A 67 -0.41 -3.10 6.46
N SER A 68 -1.13 -2.37 5.61
CA SER A 68 -0.93 -0.94 5.47
C SER A 68 -0.86 -0.27 6.83
N GLU A 69 0.02 0.72 6.95
CA GLU A 69 0.18 1.45 8.21
C GLU A 69 -0.11 2.94 8.01
N CYS A 70 -0.75 3.27 6.90
CA CYS A 70 -1.09 4.66 6.59
C CYS A 70 -2.36 5.08 7.33
N GLY A 71 -2.93 4.16 8.09
CA GLY A 71 -4.14 4.45 8.84
C GLY A 71 -5.23 3.43 8.59
N SER A 72 -5.15 2.31 9.30
CA SER A 72 -6.14 1.25 9.15
C SER A 72 -7.54 1.76 9.46
N ALA A 73 -7.66 2.53 10.54
CA ALA A 73 -8.94 3.09 10.94
C ALA A 73 -9.21 4.42 10.23
N LYS A 74 -8.19 4.95 9.57
CA LYS A 74 -8.31 6.21 8.86
C LYS A 74 -8.80 5.97 7.42
N ARG A 75 -7.99 5.28 6.63
CA ARG A 75 -8.34 4.99 5.25
C ARG A 75 -8.41 3.48 5.01
N ASP A 76 -7.99 2.72 6.00
CA ASP A 76 -8.01 1.26 5.90
C ASP A 76 -7.18 0.79 4.71
N GLY A 77 -6.25 1.63 4.27
CA GLY A 77 -5.41 1.29 3.15
C GLY A 77 -6.10 1.49 1.82
N ASP A 78 -7.11 2.37 1.81
CA ASP A 78 -7.85 2.66 0.59
C ASP A 78 -7.59 4.08 0.10
N LEU A 79 -7.31 4.22 -1.18
CA LEU A 79 -7.04 5.53 -1.77
C LEU A 79 -8.32 6.17 -2.31
N GLY A 80 -8.27 7.47 -2.55
CA GLY A 80 -9.43 8.17 -3.06
C GLY A 80 -9.28 8.56 -4.53
N MET A 81 -10.32 9.14 -5.10
CA MET A 81 -10.31 9.55 -6.49
C MET A 81 -9.10 10.44 -6.78
N VAL A 82 -8.07 9.85 -7.40
CA VAL A 82 -6.87 10.60 -7.74
C VAL A 82 -6.69 10.70 -9.25
N GLU A 83 -6.25 11.86 -9.71
CA GLU A 83 -6.04 12.10 -11.13
C GLU A 83 -4.55 12.09 -11.47
N SER A 84 -4.25 11.96 -12.75
CA SER A 84 -2.86 11.93 -13.21
C SER A 84 -2.14 13.22 -12.85
N GLY A 85 -1.13 13.11 -11.98
CA GLY A 85 -0.38 14.28 -11.57
C GLY A 85 -0.62 14.63 -10.12
N THR A 86 -1.27 13.73 -9.39
CA THR A 86 -1.55 13.97 -7.98
C THR A 86 -0.51 13.31 -7.09
N TYR A 87 -0.12 12.09 -7.44
CA TYR A 87 0.88 11.35 -6.67
C TYR A 87 2.29 11.63 -7.19
N THR A 88 3.26 10.91 -6.65
CA THR A 88 4.66 11.06 -7.06
C THR A 88 4.97 10.20 -8.27
N GLU A 89 6.18 10.34 -8.80
CA GLU A 89 6.61 9.57 -9.96
C GLU A 89 6.72 8.09 -9.61
N GLY A 90 6.29 7.23 -10.53
CA GLY A 90 6.35 5.80 -10.30
C GLY A 90 5.06 5.25 -9.72
N PHE A 91 4.38 6.06 -8.91
CA PHE A 91 3.13 5.65 -8.29
C PHE A 91 1.94 6.00 -9.18
N ASP A 92 1.80 7.28 -9.48
CA ASP A 92 0.70 7.74 -10.33
C ASP A 92 0.84 7.19 -11.75
N THR A 93 2.04 6.78 -12.10
CA THR A 93 2.31 6.24 -13.43
C THR A 93 1.83 4.79 -13.54
N VAL A 94 2.07 4.01 -12.50
CA VAL A 94 1.66 2.61 -12.49
C VAL A 94 0.21 2.47 -12.01
N ALA A 95 -0.09 3.13 -10.89
CA ALA A 95 -1.44 3.08 -10.33
C ALA A 95 -2.49 3.35 -11.40
N PHE A 96 -2.21 4.33 -12.27
CA PHE A 96 -3.13 4.69 -13.34
C PHE A 96 -2.99 3.75 -14.53
N SER A 97 -1.80 3.15 -14.66
CA SER A 97 -1.53 2.24 -15.77
C SER A 97 -1.47 0.79 -15.27
N LEU A 98 -2.29 0.50 -14.26
CA LEU A 98 -2.34 -0.85 -13.69
C LEU A 98 -3.41 -1.68 -14.35
N LYS A 99 -3.32 -3.00 -14.18
CA LYS A 99 -4.30 -3.92 -14.77
C LYS A 99 -5.41 -4.25 -13.78
N SER A 100 -6.63 -4.36 -14.28
CA SER A 100 -7.78 -4.68 -13.44
C SER A 100 -7.56 -5.97 -12.65
N GLY A 101 -7.43 -5.83 -11.33
CA GLY A 101 -7.22 -6.99 -10.49
C GLY A 101 -5.76 -7.40 -10.44
N GLU A 102 -4.87 -6.43 -10.59
CA GLU A 102 -3.43 -6.69 -10.57
C GLU A 102 -2.72 -5.74 -9.61
N VAL A 103 -1.57 -6.17 -9.11
CA VAL A 103 -0.78 -5.36 -8.18
C VAL A 103 0.42 -4.74 -8.87
N SER A 104 0.73 -3.50 -8.52
CA SER A 104 1.86 -2.79 -9.12
C SER A 104 3.17 -3.23 -8.48
N ALA A 105 4.28 -2.77 -9.04
CA ALA A 105 5.61 -3.11 -8.53
C ALA A 105 5.85 -2.45 -7.17
N PRO A 106 6.86 -2.96 -6.45
CA PRO A 106 7.22 -2.43 -5.13
C PRO A 106 7.85 -1.04 -5.20
N VAL A 107 7.01 -0.01 -5.08
CA VAL A 107 7.48 1.37 -5.14
C VAL A 107 8.20 1.76 -3.85
N GLU A 108 9.33 2.43 -3.99
CA GLU A 108 10.12 2.86 -2.84
C GLU A 108 10.22 4.39 -2.79
N THR A 109 9.44 4.99 -1.89
CA THR A 109 9.44 6.44 -1.74
C THR A 109 10.46 6.89 -0.70
N GLU A 110 10.82 8.16 -0.75
CA GLU A 110 11.79 8.72 0.19
C GLU A 110 11.29 8.57 1.63
N LEU A 111 9.98 8.49 1.78
CA LEU A 111 9.37 8.34 3.11
C LEU A 111 9.23 6.87 3.49
N GLY A 112 8.91 6.04 2.50
CA GLY A 112 8.76 4.62 2.76
C GLY A 112 8.34 3.85 1.52
N VAL A 113 8.18 2.53 1.66
CA VAL A 113 7.78 1.69 0.55
C VAL A 113 6.31 1.29 0.64
N HIS A 114 5.66 1.13 -0.50
CA HIS A 114 4.26 0.75 -0.54
C HIS A 114 3.88 0.19 -1.90
N LEU A 115 2.78 -0.56 -1.95
CA LEU A 115 2.31 -1.15 -3.20
C LEU A 115 0.95 -0.60 -3.58
N ILE A 116 0.50 -0.92 -4.80
CA ILE A 116 -0.79 -0.46 -5.29
C ILE A 116 -1.62 -1.63 -5.83
N TYR A 117 -2.93 -1.46 -5.81
CA TYR A 117 -3.84 -2.50 -6.29
C TYR A 117 -5.01 -1.88 -7.06
N ARG A 118 -5.15 -2.28 -8.32
CA ARG A 118 -6.23 -1.77 -9.16
C ARG A 118 -7.55 -2.47 -8.84
N VAL A 119 -8.59 -1.68 -8.62
CA VAL A 119 -9.91 -2.22 -8.30
C VAL A 119 -10.79 -2.31 -9.55
N GLU A 120 -11.28 -3.51 -9.83
CA GLU A 120 -12.13 -3.73 -11.00
C GLU A 120 -13.35 -2.82 -10.95
N PRO A 1 -11.48 15.98 -16.07
CA PRO A 1 -10.26 15.17 -15.88
C PRO A 1 -10.55 13.68 -15.86
N THR A 2 -9.54 12.89 -15.53
CA THR A 2 -9.68 11.44 -15.47
C THR A 2 -9.03 10.87 -14.21
N GLU A 3 -9.84 10.22 -13.39
CA GLU A 3 -9.36 9.63 -12.14
C GLU A 3 -9.56 8.12 -12.14
N ARG A 4 -8.86 7.44 -11.25
CA ARG A 4 -8.96 5.98 -11.14
C ARG A 4 -9.26 5.56 -9.71
N HIS A 5 -9.77 4.35 -9.55
CA HIS A 5 -10.10 3.82 -8.22
C HIS A 5 -9.31 2.55 -7.93
N PHE A 6 -8.34 2.65 -7.02
CA PHE A 6 -7.52 1.51 -6.65
C PHE A 6 -7.06 1.60 -5.20
N TYR A 7 -6.45 0.55 -4.71
CA TYR A 7 -5.97 0.51 -3.33
C TYR A 7 -4.44 0.43 -3.27
N HIS A 8 -3.90 0.49 -2.07
CA HIS A 8 -2.44 0.43 -1.89
C HIS A 8 -2.10 0.02 -0.46
N VAL A 9 -0.85 -0.41 -0.25
CA VAL A 9 -0.40 -0.84 1.06
C VAL A 9 0.88 -0.11 1.45
N LEU A 10 0.81 0.68 2.53
CA LEU A 10 1.97 1.43 3.01
C LEU A 10 2.68 0.67 4.12
N VAL A 11 3.95 0.36 3.89
CA VAL A 11 4.74 -0.36 4.88
C VAL A 11 6.00 0.42 5.26
N LYS A 12 6.17 0.66 6.56
CA LYS A 12 7.32 1.39 7.05
C LYS A 12 8.24 0.48 7.87
N HIS A 13 9.20 1.09 8.56
CA HIS A 13 10.15 0.33 9.38
C HIS A 13 10.85 1.25 10.37
N LYS A 14 11.64 0.65 11.26
CA LYS A 14 12.37 1.40 12.27
C LYS A 14 13.59 2.09 11.66
N ASP A 15 13.82 1.84 10.38
CA ASP A 15 14.96 2.43 9.67
C ASP A 15 14.51 3.62 8.83
N VAL A 16 13.38 4.20 9.20
CA VAL A 16 12.84 5.35 8.48
C VAL A 16 13.08 6.64 9.26
N ARG A 17 12.71 7.77 8.65
CA ARG A 17 12.89 9.07 9.29
C ARG A 17 11.91 9.25 10.45
N ARG A 18 10.67 8.83 10.24
CA ARG A 18 9.65 8.95 11.26
C ARG A 18 8.94 7.62 11.48
N PRO A 19 9.65 6.65 12.10
CA PRO A 19 9.12 5.32 12.37
C PRO A 19 8.04 5.34 13.45
N SER A 20 6.83 5.74 13.06
CA SER A 20 5.70 5.81 13.99
C SER A 20 4.38 5.90 13.24
N SER A 21 3.33 5.33 13.83
CA SER A 21 2.02 5.34 13.23
C SER A 21 1.14 6.45 13.83
N LEU A 22 0.31 7.05 12.99
CA LEU A 22 -0.57 8.13 13.43
C LEU A 22 -2.00 7.63 13.56
N ALA A 23 -2.22 6.72 14.50
CA ALA A 23 -3.55 6.17 14.74
C ALA A 23 -4.22 6.84 15.93
N PRO A 24 -5.56 6.73 15.99
CA PRO A 24 -6.35 7.32 17.08
C PRO A 24 -6.13 6.62 18.40
N ARG A 25 -5.56 5.42 18.35
CA ARG A 25 -5.29 4.63 19.55
C ARG A 25 -3.81 4.73 19.94
N ASN A 26 -2.94 4.67 18.95
CA ASN A 26 -1.50 4.75 19.18
C ASN A 26 -0.88 5.91 18.42
N LYS A 27 -1.49 7.08 18.55
CA LYS A 27 -1.00 8.28 17.87
C LYS A 27 0.39 8.67 18.39
N GLY A 28 1.32 8.85 17.47
CA GLY A 28 2.68 9.22 17.84
C GLY A 28 3.43 8.08 18.47
N GLU A 29 2.82 6.89 18.49
CA GLU A 29 3.45 5.71 19.06
C GLU A 29 4.49 5.13 18.11
N LYS A 30 5.47 4.43 18.67
CA LYS A 30 6.53 3.82 17.89
C LYS A 30 6.08 2.47 17.31
N ILE A 31 6.69 2.08 16.21
CA ILE A 31 6.36 0.81 15.56
C ILE A 31 7.46 -0.22 15.77
N THR A 32 7.07 -1.43 16.18
CA THR A 32 8.01 -2.51 16.42
C THR A 32 8.31 -3.27 15.14
N ARG A 33 8.66 -2.54 14.08
CA ARG A 33 8.96 -3.15 12.79
C ARG A 33 10.34 -2.73 12.30
N SER A 34 11.02 -3.64 11.60
CA SER A 34 12.35 -3.36 11.08
C SER A 34 12.33 -3.31 9.55
N ARG A 35 13.45 -2.88 8.97
CA ARG A 35 13.57 -2.78 7.52
C ARG A 35 13.17 -4.09 6.86
N ALA A 36 13.56 -5.20 7.47
CA ALA A 36 13.23 -6.53 6.93
C ALA A 36 11.73 -6.80 7.03
N ASP A 37 11.10 -6.28 8.08
CA ASP A 37 9.68 -6.48 8.28
C ASP A 37 8.87 -5.66 7.27
N ALA A 38 9.49 -4.62 6.74
CA ALA A 38 8.83 -3.76 5.75
C ALA A 38 8.64 -4.48 4.43
N ILE A 39 9.70 -5.14 3.96
CA ILE A 39 9.66 -5.86 2.70
C ILE A 39 8.85 -7.15 2.83
N ASN A 40 9.16 -7.93 3.87
CA ASN A 40 8.45 -9.19 4.11
C ASN A 40 6.95 -8.97 4.12
N LEU A 41 6.53 -7.78 4.54
CA LEU A 41 5.10 -7.45 4.60
C LEU A 41 4.52 -7.34 3.19
N ALA A 42 5.05 -6.41 2.42
CA ALA A 42 4.58 -6.19 1.05
C ALA A 42 4.76 -7.46 0.21
N GLN A 43 5.85 -8.18 0.46
CA GLN A 43 6.14 -9.39 -0.29
C GLN A 43 5.16 -10.51 0.09
N ALA A 44 4.86 -10.60 1.38
CA ALA A 44 3.94 -11.63 1.87
C ALA A 44 2.57 -11.51 1.19
N ILE A 45 2.22 -10.30 0.78
CA ILE A 45 0.95 -10.04 0.11
C ILE A 45 0.97 -10.56 -1.32
N LEU A 46 1.94 -10.07 -2.10
CA LEU A 46 2.07 -10.48 -3.50
C LEU A 46 2.19 -12.00 -3.60
N ALA A 47 2.73 -12.62 -2.56
CA ALA A 47 2.90 -14.07 -2.54
C ALA A 47 1.75 -14.74 -1.79
N GLN A 48 0.94 -13.94 -1.11
CA GLN A 48 -0.20 -14.48 -0.36
C GLN A 48 -1.10 -15.31 -1.26
N HIS A 49 -1.05 -15.03 -2.56
CA HIS A 49 -1.87 -15.77 -3.53
C HIS A 49 -0.99 -16.57 -4.47
N LYS A 50 0.21 -16.93 -4.01
CA LYS A 50 1.14 -17.70 -4.83
C LYS A 50 0.46 -18.95 -5.38
N GLU A 51 1.10 -19.57 -6.37
CA GLU A 51 0.56 -20.78 -6.99
C GLU A 51 -0.81 -20.50 -7.59
N ARG A 52 -1.11 -19.24 -7.83
CA ARG A 52 -2.39 -18.84 -8.40
C ARG A 52 -2.27 -17.52 -9.14
N LYS A 53 -2.64 -17.53 -10.42
CA LYS A 53 -2.57 -16.32 -11.25
C LYS A 53 -3.91 -15.60 -11.25
N THR A 54 -4.31 -15.09 -10.09
CA THR A 54 -5.57 -14.38 -9.96
C THR A 54 -5.60 -13.53 -8.68
N TRP A 55 -5.53 -12.22 -8.84
CA TRP A 55 -5.55 -11.31 -7.71
C TRP A 55 -6.97 -10.81 -7.44
N SER A 56 -7.57 -11.32 -6.36
CA SER A 56 -8.93 -10.93 -6.00
C SER A 56 -8.93 -9.57 -5.30
N LEU A 57 -10.01 -8.83 -5.46
CA LEU A 57 -10.14 -7.51 -4.85
C LEU A 57 -10.31 -7.62 -3.34
N ASP A 58 -11.40 -8.25 -2.92
CA ASP A 58 -11.68 -8.43 -1.50
C ASP A 58 -10.51 -9.11 -0.80
N GLU A 59 -9.71 -9.84 -1.57
CA GLU A 59 -8.55 -10.54 -1.03
C GLU A 59 -7.45 -9.55 -0.64
N PHE A 60 -7.35 -8.46 -1.38
CA PHE A 60 -6.34 -7.44 -1.12
C PHE A 60 -6.82 -6.48 -0.04
N VAL A 61 -8.05 -6.01 -0.17
CA VAL A 61 -8.63 -5.08 0.80
C VAL A 61 -8.46 -5.59 2.22
N GLN A 62 -8.42 -6.91 2.37
CA GLN A 62 -8.26 -7.53 3.68
C GLN A 62 -6.83 -7.36 4.19
N VAL A 63 -5.87 -7.52 3.30
CA VAL A 63 -4.46 -7.39 3.67
C VAL A 63 -4.05 -5.92 3.70
N VAL A 64 -4.82 -5.07 3.04
CA VAL A 64 -4.54 -3.64 2.99
C VAL A 64 -4.63 -3.02 4.38
N ARG A 65 -5.76 -3.20 5.04
CA ARG A 65 -5.98 -2.66 6.37
C ARG A 65 -5.23 -3.47 7.41
N ASP A 66 -4.61 -4.57 6.98
CA ASP A 66 -3.87 -5.44 7.87
C ASP A 66 -2.37 -5.21 7.72
N PHE A 67 -1.98 -4.61 6.61
CA PHE A 67 -0.57 -4.33 6.34
C PHE A 67 -0.31 -2.82 6.28
N SER A 68 -1.05 -2.14 5.42
CA SER A 68 -0.90 -0.70 5.25
C SER A 68 -0.85 0.00 6.61
N GLU A 69 -0.16 1.13 6.66
CA GLU A 69 -0.04 1.89 7.90
C GLU A 69 -0.47 3.34 7.69
N CYS A 70 -0.87 3.65 6.47
CA CYS A 70 -1.30 5.01 6.14
C CYS A 70 -2.72 5.25 6.62
N GLY A 71 -2.91 5.27 7.94
CA GLY A 71 -4.23 5.49 8.50
C GLY A 71 -5.17 4.33 8.24
N SER A 72 -4.97 3.23 8.97
CA SER A 72 -5.80 2.04 8.81
C SER A 72 -7.27 2.37 9.12
N ALA A 73 -7.48 3.14 10.18
CA ALA A 73 -8.83 3.52 10.57
C ALA A 73 -9.29 4.78 9.86
N LYS A 74 -8.35 5.44 9.18
CA LYS A 74 -8.65 6.67 8.45
C LYS A 74 -9.10 6.34 7.03
N ARG A 75 -8.20 5.76 6.24
CA ARG A 75 -8.51 5.40 4.86
C ARG A 75 -8.39 3.90 4.65
N ASP A 76 -7.88 3.20 5.66
CA ASP A 76 -7.71 1.75 5.59
C ASP A 76 -6.89 1.37 4.37
N GLY A 77 -5.81 2.10 4.14
CA GLY A 77 -4.94 1.82 3.00
C GLY A 77 -5.70 1.80 1.69
N ASP A 78 -6.83 2.49 1.66
CA ASP A 78 -7.65 2.55 0.44
C ASP A 78 -7.58 3.94 -0.19
N LEU A 79 -7.34 3.98 -1.49
CA LEU A 79 -7.24 5.24 -2.22
C LEU A 79 -8.58 5.60 -2.87
N GLY A 80 -8.79 6.89 -3.11
CA GLY A 80 -10.03 7.33 -3.73
C GLY A 80 -9.81 7.89 -5.12
N MET A 81 -10.82 8.58 -5.64
CA MET A 81 -10.74 9.17 -6.98
C MET A 81 -9.52 10.08 -7.08
N VAL A 82 -8.45 9.57 -7.69
CA VAL A 82 -7.23 10.34 -7.87
C VAL A 82 -6.90 10.53 -9.35
N GLU A 83 -6.45 11.73 -9.69
CA GLU A 83 -6.10 12.04 -11.07
C GLU A 83 -4.59 12.06 -11.27
N SER A 84 -4.16 12.00 -12.53
CA SER A 84 -2.74 11.99 -12.85
C SER A 84 -2.06 13.27 -12.36
N GLY A 85 -1.09 13.12 -11.47
CA GLY A 85 -0.38 14.26 -10.94
C GLY A 85 -0.66 14.48 -9.47
N THR A 86 -1.29 13.50 -8.83
CA THR A 86 -1.63 13.59 -7.41
C THR A 86 -0.59 12.87 -6.56
N TYR A 87 -0.17 11.69 -7.01
CA TYR A 87 0.82 10.91 -6.29
C TYR A 87 2.23 11.24 -6.76
N THR A 88 3.20 10.52 -6.21
CA THR A 88 4.60 10.74 -6.57
C THR A 88 4.99 9.93 -7.81
N GLU A 89 6.06 10.35 -8.48
CA GLU A 89 6.52 9.66 -9.67
C GLU A 89 6.71 8.17 -9.40
N GLY A 90 6.31 7.35 -10.36
CA GLY A 90 6.43 5.91 -10.21
C GLY A 90 5.17 5.26 -9.69
N PHE A 91 4.43 6.01 -8.88
CA PHE A 91 3.19 5.49 -8.30
C PHE A 91 2.00 5.80 -9.22
N ASP A 92 1.71 7.08 -9.39
CA ASP A 92 0.59 7.50 -10.23
C ASP A 92 0.80 7.03 -11.67
N THR A 93 2.04 6.73 -12.01
CA THR A 93 2.38 6.27 -13.36
C THR A 93 1.93 4.82 -13.57
N VAL A 94 2.16 3.98 -12.57
CA VAL A 94 1.77 2.57 -12.66
C VAL A 94 0.33 2.38 -12.24
N ALA A 95 -0.04 2.98 -11.11
CA ALA A 95 -1.40 2.87 -10.60
C ALA A 95 -2.43 3.19 -11.68
N PHE A 96 -2.21 4.30 -12.39
CA PHE A 96 -3.11 4.71 -13.45
C PHE A 96 -2.97 3.81 -14.68
N SER A 97 -1.81 3.15 -14.79
CA SER A 97 -1.54 2.27 -15.90
C SER A 97 -1.60 0.80 -15.48
N LEU A 98 -2.36 0.54 -14.42
CA LEU A 98 -2.50 -0.82 -13.90
C LEU A 98 -3.67 -1.54 -14.57
N LYS A 99 -3.68 -2.87 -14.47
CA LYS A 99 -4.73 -3.67 -15.07
C LYS A 99 -5.76 -4.10 -14.02
N SER A 100 -7.02 -4.16 -14.42
CA SER A 100 -8.09 -4.55 -13.51
C SER A 100 -7.78 -5.89 -12.85
N GLY A 101 -7.56 -5.86 -11.54
CA GLY A 101 -7.26 -7.08 -10.80
C GLY A 101 -5.78 -7.44 -10.88
N GLU A 102 -4.93 -6.43 -11.00
CA GLU A 102 -3.49 -6.66 -11.07
C GLU A 102 -2.75 -5.73 -10.11
N VAL A 103 -1.68 -6.25 -9.51
CA VAL A 103 -0.89 -5.48 -8.57
C VAL A 103 0.33 -4.86 -9.27
N SER A 104 0.66 -3.64 -8.88
CA SER A 104 1.80 -2.93 -9.46
C SER A 104 3.11 -3.40 -8.84
N ALA A 105 4.22 -2.94 -9.41
CA ALA A 105 5.54 -3.32 -8.90
C ALA A 105 5.80 -2.70 -7.53
N PRO A 106 6.80 -3.23 -6.82
CA PRO A 106 7.18 -2.75 -5.49
C PRO A 106 7.82 -1.37 -5.54
N VAL A 107 6.99 -0.33 -5.37
CA VAL A 107 7.47 1.04 -5.39
C VAL A 107 8.19 1.40 -4.09
N GLU A 108 9.36 2.02 -4.22
CA GLU A 108 10.14 2.40 -3.05
C GLU A 108 10.35 3.92 -3.01
N THR A 109 9.60 4.58 -2.13
CA THR A 109 9.69 6.03 -2.00
C THR A 109 10.65 6.42 -0.87
N GLU A 110 11.07 7.67 -0.88
CA GLU A 110 12.00 8.17 0.14
C GLU A 110 11.42 7.97 1.55
N LEU A 111 10.10 7.87 1.62
CA LEU A 111 9.43 7.68 2.90
C LEU A 111 9.36 6.21 3.27
N GLY A 112 9.08 5.37 2.28
CA GLY A 112 9.00 3.93 2.52
C GLY A 112 8.55 3.17 1.29
N VAL A 113 8.26 1.87 1.47
CA VAL A 113 7.82 1.03 0.37
C VAL A 113 6.32 0.78 0.43
N HIS A 114 5.70 0.68 -0.73
CA HIS A 114 4.25 0.44 -0.81
C HIS A 114 3.87 -0.14 -2.17
N LEU A 115 2.75 -0.84 -2.21
CA LEU A 115 2.27 -1.44 -3.45
C LEU A 115 0.91 -0.89 -3.84
N ILE A 116 0.49 -1.15 -5.07
CA ILE A 116 -0.79 -0.67 -5.57
C ILE A 116 -1.62 -1.82 -6.14
N TYR A 117 -2.94 -1.71 -6.02
CA TYR A 117 -3.84 -2.73 -6.53
C TYR A 117 -4.98 -2.11 -7.32
N ARG A 118 -5.12 -2.53 -8.58
CA ARG A 118 -6.17 -2.01 -9.45
C ARG A 118 -7.51 -2.67 -9.13
N VAL A 119 -8.52 -1.85 -8.87
CA VAL A 119 -9.85 -2.34 -8.56
C VAL A 119 -10.71 -2.44 -9.81
N GLU A 120 -11.57 -3.47 -9.86
CA GLU A 120 -12.45 -3.67 -11.01
C GLU A 120 -13.71 -2.82 -10.88
N PRO A 1 -9.57 16.08 -14.15
CA PRO A 1 -10.42 15.68 -15.27
C PRO A 1 -10.86 14.22 -15.17
N THR A 2 -9.93 13.34 -14.84
CA THR A 2 -10.23 11.93 -14.71
C THR A 2 -9.50 11.32 -13.52
N GLU A 3 -10.25 10.65 -12.65
CA GLU A 3 -9.68 10.02 -11.47
C GLU A 3 -9.89 8.51 -11.50
N ARG A 4 -9.19 7.80 -10.61
CA ARG A 4 -9.29 6.35 -10.53
C ARG A 4 -9.46 5.88 -9.09
N HIS A 5 -9.98 4.68 -8.92
CA HIS A 5 -10.18 4.12 -7.58
C HIS A 5 -9.39 2.82 -7.41
N PHE A 6 -8.43 2.83 -6.50
CA PHE A 6 -7.61 1.66 -6.23
C PHE A 6 -7.11 1.65 -4.79
N TYR A 7 -6.58 0.51 -4.36
CA TYR A 7 -6.09 0.37 -3.00
C TYR A 7 -4.56 0.33 -2.99
N HIS A 8 -3.98 0.44 -1.80
CA HIS A 8 -2.53 0.42 -1.64
C HIS A 8 -2.13 -0.06 -0.26
N VAL A 9 -0.91 -0.57 -0.13
CA VAL A 9 -0.41 -1.05 1.15
C VAL A 9 0.89 -0.36 1.54
N LEU A 10 0.86 0.36 2.66
CA LEU A 10 2.03 1.08 3.14
C LEU A 10 2.76 0.27 4.21
N VAL A 11 4.03 0.00 3.97
CA VAL A 11 4.85 -0.76 4.92
C VAL A 11 6.15 -0.03 5.23
N LYS A 12 6.34 0.32 6.49
CA LYS A 12 7.54 1.02 6.92
C LYS A 12 8.25 0.24 8.02
N HIS A 13 9.40 0.76 8.45
CA HIS A 13 10.18 0.12 9.51
C HIS A 13 10.80 1.15 10.44
N LYS A 14 11.41 0.68 11.52
CA LYS A 14 12.05 1.57 12.49
C LYS A 14 13.40 2.06 11.97
N ASP A 15 13.79 1.57 10.80
CA ASP A 15 15.06 1.96 10.20
C ASP A 15 14.84 3.01 9.11
N VAL A 16 13.71 3.70 9.18
CA VAL A 16 13.37 4.73 8.22
C VAL A 16 13.68 6.12 8.76
N ARG A 17 13.33 7.14 7.99
CA ARG A 17 13.57 8.52 8.39
C ARG A 17 12.52 9.00 9.39
N ARG A 18 11.29 8.51 9.21
CA ARG A 18 10.20 8.89 10.09
C ARG A 18 9.34 7.68 10.44
N PRO A 19 9.90 6.77 11.26
CA PRO A 19 9.20 5.55 11.68
C PRO A 19 8.04 5.84 12.63
N SER A 20 6.90 6.21 12.07
CA SER A 20 5.72 6.52 12.86
C SER A 20 4.45 6.37 12.03
N SER A 21 3.35 6.04 12.69
CA SER A 21 2.07 5.86 12.01
C SER A 21 1.11 6.98 12.37
N LEU A 22 0.33 7.42 11.39
CA LEU A 22 -0.64 8.49 11.59
C LEU A 22 -2.03 7.92 11.88
N ALA A 23 -2.16 7.23 13.01
CA ALA A 23 -3.43 6.65 13.40
C ALA A 23 -4.14 7.50 14.44
N PRO A 24 -5.45 7.28 14.60
CA PRO A 24 -6.27 8.03 15.56
C PRO A 24 -5.94 7.68 17.00
N ARG A 25 -5.54 6.44 17.23
CA ARG A 25 -5.19 5.98 18.57
C ARG A 25 -3.68 5.92 18.75
N ASN A 26 -2.95 5.93 17.63
CA ASN A 26 -1.50 5.87 17.66
C ASN A 26 -0.89 7.10 17.00
N LYS A 27 -1.63 8.21 17.04
CA LYS A 27 -1.16 9.46 16.44
C LYS A 27 0.20 9.85 17.01
N GLY A 28 1.17 10.05 16.12
CA GLY A 28 2.50 10.44 16.55
C GLY A 28 3.21 9.33 17.29
N GLU A 29 2.63 8.12 17.26
CA GLU A 29 3.23 6.98 17.94
C GLU A 29 4.22 6.26 17.03
N LYS A 30 5.25 5.68 17.65
CA LYS A 30 6.28 4.97 16.90
C LYS A 30 5.88 3.51 16.67
N ILE A 31 6.41 2.91 15.62
CA ILE A 31 6.10 1.52 15.30
C ILE A 31 7.28 0.60 15.63
N THR A 32 7.01 -0.48 16.35
CA THR A 32 8.05 -1.42 16.73
C THR A 32 8.27 -2.47 15.63
N ARG A 33 8.51 -2.00 14.42
CA ARG A 33 8.74 -2.88 13.28
C ARG A 33 10.16 -2.73 12.75
N SER A 34 10.70 -3.82 12.22
CA SER A 34 12.05 -3.81 11.69
C SER A 34 12.04 -3.83 10.16
N ARG A 35 13.17 -3.48 9.55
CA ARG A 35 13.28 -3.46 8.10
C ARG A 35 12.87 -4.79 7.50
N ALA A 36 13.12 -5.87 8.25
CA ALA A 36 12.78 -7.21 7.79
C ALA A 36 11.26 -7.42 7.79
N ASP A 37 10.57 -6.73 8.68
CA ASP A 37 9.13 -6.84 8.78
C ASP A 37 8.44 -6.02 7.69
N ALA A 38 9.17 -5.07 7.13
CA ALA A 38 8.65 -4.22 6.07
C ALA A 38 8.53 -4.98 4.75
N ILE A 39 9.56 -5.78 4.45
CA ILE A 39 9.57 -6.56 3.22
C ILE A 39 8.70 -7.80 3.36
N ASN A 40 8.86 -8.53 4.46
CA ASN A 40 8.10 -9.73 4.71
C ASN A 40 6.60 -9.44 4.71
N LEU A 41 6.25 -8.17 4.92
CA LEU A 41 4.85 -7.76 4.93
C LEU A 41 4.30 -7.63 3.52
N ALA A 42 4.93 -6.79 2.72
CA ALA A 42 4.50 -6.58 1.33
C ALA A 42 4.68 -7.85 0.51
N GLN A 43 5.68 -8.65 0.88
CA GLN A 43 5.95 -9.89 0.16
C GLN A 43 4.93 -10.96 0.53
N ALA A 44 4.64 -11.08 1.82
CA ALA A 44 3.68 -12.07 2.30
C ALA A 44 2.35 -11.94 1.56
N ILE A 45 2.04 -10.73 1.13
CA ILE A 45 0.79 -10.48 0.40
C ILE A 45 0.92 -10.89 -1.06
N LEU A 46 1.89 -10.31 -1.76
CA LEU A 46 2.12 -10.60 -3.17
C LEU A 46 2.34 -12.09 -3.37
N ALA A 47 2.89 -12.76 -2.36
CA ALA A 47 3.15 -14.19 -2.44
C ALA A 47 2.03 -14.98 -1.77
N GLN A 48 1.12 -14.28 -1.10
CA GLN A 48 0.00 -14.92 -0.42
C GLN A 48 -0.78 -15.80 -1.38
N HIS A 49 -0.72 -15.47 -2.66
CA HIS A 49 -1.43 -16.23 -3.69
C HIS A 49 -0.46 -16.79 -4.73
N LYS A 50 0.79 -16.99 -4.31
CA LYS A 50 1.81 -17.52 -5.20
C LYS A 50 1.35 -18.81 -5.87
N GLU A 51 1.98 -19.15 -6.99
CA GLU A 51 1.63 -20.36 -7.72
C GLU A 51 0.28 -20.22 -8.41
N ARG A 52 -0.27 -19.01 -8.35
CA ARG A 52 -1.57 -18.73 -8.97
C ARG A 52 -1.48 -17.53 -9.91
N LYS A 53 -2.50 -17.38 -10.75
CA LYS A 53 -2.54 -16.26 -11.70
C LYS A 53 -3.89 -15.54 -11.64
N THR A 54 -4.19 -14.95 -10.48
CA THR A 54 -5.44 -14.23 -10.30
C THR A 54 -5.46 -13.52 -8.95
N TRP A 55 -5.39 -12.19 -8.99
CA TRP A 55 -5.40 -11.38 -7.77
C TRP A 55 -6.82 -10.91 -7.44
N SER A 56 -7.37 -11.42 -6.35
CA SER A 56 -8.72 -11.05 -5.94
C SER A 56 -8.72 -9.68 -5.24
N LEU A 57 -9.86 -9.01 -5.31
CA LEU A 57 -10.00 -7.69 -4.69
C LEU A 57 -10.25 -7.81 -3.20
N ASP A 58 -11.35 -8.46 -2.84
CA ASP A 58 -11.71 -8.65 -1.44
C ASP A 58 -10.57 -9.33 -0.68
N GLU A 59 -9.72 -10.03 -1.41
CA GLU A 59 -8.58 -10.72 -0.80
C GLU A 59 -7.48 -9.75 -0.43
N PHE A 60 -7.25 -8.75 -1.29
CA PHE A 60 -6.23 -7.75 -1.06
C PHE A 60 -6.66 -6.76 0.02
N VAL A 61 -7.75 -6.05 -0.25
CA VAL A 61 -8.27 -5.07 0.70
C VAL A 61 -8.33 -5.64 2.12
N GLN A 62 -8.50 -6.95 2.21
CA GLN A 62 -8.58 -7.63 3.50
C GLN A 62 -7.22 -7.61 4.20
N VAL A 63 -6.16 -7.87 3.43
CA VAL A 63 -4.81 -7.88 3.97
C VAL A 63 -4.23 -6.48 4.05
N VAL A 64 -4.83 -5.55 3.29
CA VAL A 64 -4.38 -4.17 3.28
C VAL A 64 -4.54 -3.52 4.64
N ARG A 65 -5.72 -3.65 5.22
CA ARG A 65 -6.01 -3.08 6.53
C ARG A 65 -5.34 -3.89 7.64
N ASP A 66 -4.77 -5.03 7.26
CA ASP A 66 -4.10 -5.90 8.21
C ASP A 66 -2.58 -5.77 8.10
N PHE A 67 -2.12 -5.24 6.97
CA PHE A 67 -0.69 -5.06 6.74
C PHE A 67 -0.34 -3.57 6.67
N SER A 68 -0.98 -2.85 5.76
CA SER A 68 -0.74 -1.43 5.58
C SER A 68 -0.78 -0.71 6.93
N GLU A 69 -0.17 0.47 6.98
CA GLU A 69 -0.14 1.27 8.20
C GLU A 69 -0.49 2.72 7.91
N CYS A 70 -0.87 3.00 6.68
CA CYS A 70 -1.22 4.36 6.27
C CYS A 70 -2.61 4.74 6.78
N GLY A 71 -2.74 4.81 8.10
CA GLY A 71 -4.02 5.17 8.69
C GLY A 71 -5.07 4.09 8.49
N SER A 72 -4.95 3.00 9.26
CA SER A 72 -5.89 1.90 9.16
C SER A 72 -7.32 2.36 9.43
N ALA A 73 -7.47 3.19 10.46
CA ALA A 73 -8.78 3.72 10.82
C ALA A 73 -9.10 5.00 10.04
N LYS A 74 -8.09 5.53 9.37
CA LYS A 74 -8.26 6.75 8.59
C LYS A 74 -8.73 6.43 7.17
N ARG A 75 -7.88 5.72 6.42
CA ARG A 75 -8.20 5.36 5.05
C ARG A 75 -8.21 3.83 4.89
N ASP A 76 -7.78 3.13 5.93
CA ASP A 76 -7.75 1.67 5.90
C ASP A 76 -6.92 1.17 4.73
N GLY A 77 -5.93 1.96 4.33
CA GLY A 77 -5.09 1.58 3.21
C GLY A 77 -5.78 1.72 1.87
N ASP A 78 -7.00 2.26 1.89
CA ASP A 78 -7.78 2.46 0.68
C ASP A 78 -7.62 3.88 0.16
N LEU A 79 -7.35 4.01 -1.14
CA LEU A 79 -7.18 5.32 -1.76
C LEU A 79 -8.51 5.83 -2.32
N GLY A 80 -8.63 7.15 -2.42
CA GLY A 80 -9.85 7.74 -2.94
C GLY A 80 -9.68 8.23 -4.37
N MET A 81 -10.72 8.90 -4.89
CA MET A 81 -10.69 9.41 -6.25
C MET A 81 -9.50 10.35 -6.45
N VAL A 82 -8.43 9.81 -7.03
CA VAL A 82 -7.23 10.60 -7.28
C VAL A 82 -7.02 10.83 -8.78
N GLU A 83 -6.51 12.00 -9.14
CA GLU A 83 -6.26 12.33 -10.54
C GLU A 83 -4.76 12.36 -10.82
N SER A 84 -4.41 12.10 -12.07
CA SER A 84 -3.01 12.09 -12.49
C SER A 84 -2.31 13.39 -12.07
N GLY A 85 -1.28 13.25 -11.25
CA GLY A 85 -0.54 14.42 -10.78
C GLY A 85 -0.73 14.67 -9.30
N THR A 86 -1.30 13.70 -8.61
CA THR A 86 -1.54 13.82 -7.17
C THR A 86 -0.46 13.10 -6.37
N TYR A 87 -0.13 11.89 -6.80
CA TYR A 87 0.88 11.09 -6.12
C TYR A 87 2.28 11.40 -6.67
N THR A 88 3.27 10.67 -6.18
CA THR A 88 4.64 10.86 -6.62
C THR A 88 4.94 10.04 -7.87
N GLU A 89 6.00 10.41 -8.59
CA GLU A 89 6.39 9.70 -9.80
C GLU A 89 6.56 8.21 -9.53
N GLY A 90 6.07 7.39 -10.47
CA GLY A 90 6.18 5.94 -10.31
C GLY A 90 4.92 5.34 -9.72
N PHE A 91 4.24 6.09 -8.87
CA PHE A 91 3.01 5.62 -8.24
C PHE A 91 1.79 5.97 -9.10
N ASP A 92 1.53 7.26 -9.25
CA ASP A 92 0.40 7.73 -10.03
C ASP A 92 0.52 7.26 -11.48
N THR A 93 1.73 6.91 -11.89
CA THR A 93 1.99 6.45 -13.25
C THR A 93 1.48 5.02 -13.46
N VAL A 94 1.74 4.16 -12.47
CA VAL A 94 1.30 2.77 -12.54
C VAL A 94 -0.13 2.62 -12.05
N ALA A 95 -0.43 3.24 -10.92
CA ALA A 95 -1.76 3.18 -10.33
C ALA A 95 -2.83 3.50 -11.38
N PHE A 96 -2.60 4.56 -12.15
CA PHE A 96 -3.55 4.97 -13.18
C PHE A 96 -3.39 4.11 -14.43
N SER A 97 -2.23 3.47 -14.57
CA SER A 97 -1.97 2.61 -15.71
C SER A 97 -1.97 1.14 -15.31
N LEU A 98 -2.75 0.82 -14.29
CA LEU A 98 -2.84 -0.56 -13.80
C LEU A 98 -4.00 -1.31 -14.47
N LYS A 99 -3.96 -2.63 -14.39
CA LYS A 99 -5.00 -3.46 -14.98
C LYS A 99 -5.96 -3.97 -13.92
N SER A 100 -7.26 -3.87 -14.19
CA SER A 100 -8.29 -4.32 -13.26
C SER A 100 -8.01 -5.75 -12.80
N GLY A 101 -7.64 -5.89 -11.53
CA GLY A 101 -7.36 -7.21 -10.99
C GLY A 101 -5.88 -7.54 -11.02
N GLU A 102 -5.04 -6.52 -10.91
CA GLU A 102 -3.59 -6.70 -10.93
C GLU A 102 -2.91 -5.76 -9.95
N VAL A 103 -1.72 -6.16 -9.48
CA VAL A 103 -0.97 -5.34 -8.55
C VAL A 103 0.22 -4.68 -9.23
N SER A 104 0.47 -3.42 -8.87
CA SER A 104 1.57 -2.67 -9.46
C SER A 104 2.91 -3.13 -8.88
N ALA A 105 4.00 -2.63 -9.46
CA ALA A 105 5.34 -3.00 -9.00
C ALA A 105 5.61 -2.45 -7.61
N PRO A 106 6.63 -3.02 -6.95
CA PRO A 106 7.02 -2.61 -5.59
C PRO A 106 7.63 -1.21 -5.56
N VAL A 107 6.80 -0.20 -5.35
CA VAL A 107 7.26 1.18 -5.29
C VAL A 107 7.99 1.46 -3.98
N GLU A 108 9.26 1.83 -4.09
CA GLU A 108 10.07 2.14 -2.91
C GLU A 108 10.33 3.63 -2.80
N THR A 109 9.62 4.27 -1.88
CA THR A 109 9.77 5.71 -1.67
C THR A 109 10.80 6.00 -0.58
N GLU A 110 11.30 7.23 -0.55
CA GLU A 110 12.29 7.64 0.43
C GLU A 110 11.75 7.44 1.85
N LEU A 111 10.44 7.49 1.99
CA LEU A 111 9.80 7.32 3.29
C LEU A 111 9.56 5.84 3.58
N GLY A 112 9.15 5.10 2.56
CA GLY A 112 8.89 3.67 2.72
C GLY A 112 8.41 3.02 1.44
N VAL A 113 8.20 1.71 1.50
CA VAL A 113 7.75 0.96 0.33
C VAL A 113 6.25 0.68 0.40
N HIS A 114 5.60 0.67 -0.76
CA HIS A 114 4.17 0.40 -0.82
C HIS A 114 3.76 -0.06 -2.21
N LEU A 115 2.68 -0.81 -2.28
CA LEU A 115 2.18 -1.32 -3.56
C LEU A 115 0.80 -0.77 -3.87
N ILE A 116 0.33 -1.01 -5.09
CA ILE A 116 -1.00 -0.54 -5.50
C ILE A 116 -1.84 -1.68 -6.07
N TYR A 117 -3.15 -1.54 -5.98
CA TYR A 117 -4.07 -2.55 -6.48
C TYR A 117 -5.27 -1.91 -7.15
N ARG A 118 -5.48 -2.25 -8.43
CA ARG A 118 -6.60 -1.70 -9.18
C ARG A 118 -7.88 -2.45 -8.86
N VAL A 119 -8.94 -1.70 -8.57
CA VAL A 119 -10.24 -2.30 -8.25
C VAL A 119 -11.21 -2.18 -9.42
N GLU A 120 -12.13 -3.13 -9.51
CA GLU A 120 -13.12 -3.13 -10.58
C GLU A 120 -13.83 -1.78 -10.67
N PRO A 1 -10.57 15.79 -14.26
CA PRO A 1 -10.92 15.33 -15.62
C PRO A 1 -10.93 13.81 -15.72
N THR A 2 -9.90 13.17 -15.18
CA THR A 2 -9.79 11.71 -15.21
C THR A 2 -9.15 11.18 -13.95
N GLU A 3 -9.95 10.55 -13.09
CA GLU A 3 -9.45 10.00 -11.84
C GLU A 3 -9.72 8.50 -11.77
N ARG A 4 -8.88 7.79 -11.02
CA ARG A 4 -9.02 6.34 -10.86
C ARG A 4 -9.20 5.97 -9.40
N HIS A 5 -9.59 4.72 -9.16
CA HIS A 5 -9.80 4.22 -7.81
C HIS A 5 -9.03 2.92 -7.58
N PHE A 6 -8.07 2.95 -6.67
CA PHE A 6 -7.27 1.78 -6.37
C PHE A 6 -6.79 1.80 -4.91
N TYR A 7 -6.35 0.65 -4.42
CA TYR A 7 -5.87 0.55 -3.05
C TYR A 7 -4.35 0.51 -3.00
N HIS A 8 -3.79 0.67 -1.80
CA HIS A 8 -2.35 0.65 -1.62
C HIS A 8 -1.98 0.19 -0.21
N VAL A 9 -0.77 -0.35 -0.07
CA VAL A 9 -0.30 -0.84 1.22
C VAL A 9 1.00 -0.16 1.62
N LEU A 10 0.96 0.61 2.70
CA LEU A 10 2.15 1.31 3.19
C LEU A 10 2.86 0.49 4.25
N VAL A 11 4.15 0.23 4.02
CA VAL A 11 4.95 -0.54 4.97
C VAL A 11 6.28 0.16 5.27
N LYS A 12 6.49 0.49 6.54
CA LYS A 12 7.71 1.16 6.95
C LYS A 12 8.36 0.42 8.13
N HIS A 13 9.59 0.80 8.44
CA HIS A 13 10.32 0.19 9.54
C HIS A 13 10.83 1.24 10.52
N LYS A 14 11.40 0.78 11.63
CA LYS A 14 11.93 1.68 12.65
C LYS A 14 13.28 2.25 12.22
N ASP A 15 13.78 1.79 11.08
CA ASP A 15 15.06 2.24 10.56
C ASP A 15 14.86 3.26 9.44
N VAL A 16 13.69 3.89 9.43
CA VAL A 16 13.37 4.89 8.42
C VAL A 16 13.65 6.30 8.93
N ARG A 17 13.30 7.30 8.13
CA ARG A 17 13.51 8.69 8.49
C ARG A 17 12.47 9.15 9.51
N ARG A 18 11.25 8.65 9.36
CA ARG A 18 10.16 9.01 10.26
C ARG A 18 9.28 7.79 10.57
N PRO A 19 9.82 6.88 11.38
CA PRO A 19 9.11 5.65 11.78
C PRO A 19 7.94 5.93 12.72
N SER A 20 6.82 6.34 12.13
CA SER A 20 5.62 6.66 12.92
C SER A 20 4.36 6.35 12.12
N SER A 21 3.32 5.89 12.82
CA SER A 21 2.05 5.56 12.18
C SER A 21 0.96 6.53 12.61
N LEU A 22 0.14 6.96 11.65
CA LEU A 22 -0.95 7.89 11.93
C LEU A 22 -2.27 7.14 12.08
N ALA A 23 -2.37 6.32 13.12
CA ALA A 23 -3.58 5.56 13.39
C ALA A 23 -4.38 6.18 14.52
N PRO A 24 -5.67 5.80 14.61
CA PRO A 24 -6.57 6.30 15.65
C PRO A 24 -6.22 5.78 17.03
N ARG A 25 -5.62 4.59 17.07
CA ARG A 25 -5.23 3.97 18.33
C ARG A 25 -3.74 4.13 18.57
N ASN A 26 -2.99 4.39 17.51
CA ASN A 26 -1.54 4.56 17.61
C ASN A 26 -1.12 5.93 17.09
N LYS A 27 -1.99 6.92 17.27
CA LYS A 27 -1.70 8.28 16.81
C LYS A 27 -0.44 8.82 17.47
N GLY A 28 0.52 9.24 16.65
CA GLY A 28 1.77 9.78 17.17
C GLY A 28 2.62 8.72 17.84
N GLU A 29 2.23 7.46 17.67
CA GLU A 29 2.97 6.35 18.26
C GLU A 29 4.03 5.83 17.30
N LYS A 30 5.22 5.56 17.84
CA LYS A 30 6.32 5.04 17.04
C LYS A 30 6.12 3.58 16.70
N ILE A 31 6.67 3.13 15.58
CA ILE A 31 6.56 1.75 15.15
C ILE A 31 7.78 0.94 15.57
N THR A 32 7.54 -0.18 16.23
CA THR A 32 8.62 -1.05 16.68
C THR A 32 8.87 -2.18 15.69
N ARG A 33 8.96 -1.83 14.41
CA ARG A 33 9.20 -2.81 13.37
C ARG A 33 10.61 -2.68 12.81
N SER A 34 11.07 -3.73 12.14
CA SER A 34 12.42 -3.72 11.55
C SER A 34 12.34 -3.68 10.03
N ARG A 35 13.47 -3.40 9.40
CA ARG A 35 13.55 -3.33 7.94
C ARG A 35 13.06 -4.63 7.30
N ALA A 36 13.38 -5.75 7.94
CA ALA A 36 12.97 -7.06 7.44
C ALA A 36 11.47 -7.25 7.54
N ASP A 37 10.86 -6.53 8.49
CA ASP A 37 9.41 -6.62 8.68
C ASP A 37 8.67 -5.80 7.63
N ALA A 38 9.35 -4.82 7.05
CA ALA A 38 8.75 -3.97 6.02
C ALA A 38 8.60 -4.72 4.71
N ILE A 39 9.63 -5.48 4.35
CA ILE A 39 9.62 -6.26 3.11
C ILE A 39 8.78 -7.51 3.26
N ASN A 40 8.99 -8.24 4.36
CA ASN A 40 8.25 -9.46 4.62
C ASN A 40 6.75 -9.21 4.64
N LEU A 41 6.38 -7.96 4.91
CA LEU A 41 4.97 -7.56 4.97
C LEU A 41 4.38 -7.45 3.56
N ALA A 42 4.99 -6.59 2.74
CA ALA A 42 4.52 -6.39 1.38
C ALA A 42 4.72 -7.66 0.54
N GLN A 43 5.75 -8.43 0.87
CA GLN A 43 6.05 -9.66 0.15
C GLN A 43 5.06 -10.76 0.52
N ALA A 44 4.78 -10.89 1.81
CA ALA A 44 3.85 -11.90 2.30
C ALA A 44 2.51 -11.80 1.58
N ILE A 45 2.14 -10.59 1.21
CA ILE A 45 0.87 -10.35 0.51
C ILE A 45 0.97 -10.79 -0.95
N LEU A 46 1.97 -10.28 -1.64
CA LEU A 46 2.17 -10.61 -3.06
C LEU A 46 2.29 -12.12 -3.24
N ALA A 47 2.73 -12.81 -2.21
CA ALA A 47 2.88 -14.26 -2.25
C ALA A 47 1.68 -14.96 -1.64
N GLN A 48 0.81 -14.19 -0.99
CA GLN A 48 -0.38 -14.73 -0.36
C GLN A 48 -1.27 -15.43 -1.38
N HIS A 49 -1.14 -15.02 -2.65
CA HIS A 49 -1.93 -15.60 -3.73
C HIS A 49 -1.04 -16.43 -4.66
N LYS A 50 0.07 -16.90 -4.13
CA LYS A 50 1.01 -17.71 -4.92
C LYS A 50 0.34 -19.00 -5.40
N GLU A 51 1.04 -19.74 -6.26
CA GLU A 51 0.51 -20.99 -6.79
C GLU A 51 -0.73 -20.75 -7.63
N ARG A 52 -0.94 -19.49 -8.01
CA ARG A 52 -2.09 -19.12 -8.82
C ARG A 52 -2.03 -17.65 -9.22
N LYS A 53 -1.91 -17.39 -10.52
CA LYS A 53 -1.84 -16.03 -11.02
C LYS A 53 -3.21 -15.38 -11.02
N THR A 54 -3.72 -15.08 -9.82
CA THR A 54 -5.02 -14.45 -9.68
C THR A 54 -5.10 -13.61 -8.40
N TRP A 55 -5.13 -12.29 -8.58
CA TRP A 55 -5.19 -11.39 -7.44
C TRP A 55 -6.63 -10.92 -7.19
N SER A 56 -7.21 -11.35 -6.09
CA SER A 56 -8.58 -10.99 -5.74
C SER A 56 -8.62 -9.60 -5.12
N LEU A 57 -9.79 -8.96 -5.18
CA LEU A 57 -9.97 -7.63 -4.63
C LEU A 57 -10.20 -7.70 -3.12
N ASP A 58 -11.28 -8.35 -2.72
CA ASP A 58 -11.62 -8.49 -1.30
C ASP A 58 -10.48 -9.13 -0.54
N GLU A 59 -9.60 -9.83 -1.27
CA GLU A 59 -8.45 -10.49 -0.65
C GLU A 59 -7.37 -9.48 -0.28
N PHE A 60 -7.11 -8.54 -1.19
CA PHE A 60 -6.10 -7.53 -0.96
C PHE A 60 -6.55 -6.53 0.10
N VAL A 61 -7.65 -5.83 -0.19
CA VAL A 61 -8.19 -4.84 0.74
C VAL A 61 -8.26 -5.40 2.16
N GLN A 62 -8.41 -6.71 2.26
CA GLN A 62 -8.49 -7.36 3.56
C GLN A 62 -7.13 -7.36 4.26
N VAL A 63 -6.08 -7.63 3.50
CA VAL A 63 -4.72 -7.65 4.04
C VAL A 63 -4.14 -6.24 4.11
N VAL A 64 -4.72 -5.32 3.35
CA VAL A 64 -4.26 -3.94 3.32
C VAL A 64 -4.43 -3.28 4.68
N ARG A 65 -5.64 -3.38 5.23
CA ARG A 65 -5.93 -2.78 6.53
C ARG A 65 -5.29 -3.59 7.66
N ASP A 66 -4.71 -4.74 7.30
CA ASP A 66 -4.06 -5.61 8.28
C ASP A 66 -2.54 -5.49 8.18
N PHE A 67 -2.06 -4.98 7.05
CA PHE A 67 -0.63 -4.83 6.82
C PHE A 67 -0.26 -3.34 6.74
N SER A 68 -0.90 -2.63 5.80
CA SER A 68 -0.62 -1.22 5.62
C SER A 68 -0.66 -0.47 6.95
N GLU A 69 0.02 0.67 7.00
CA GLU A 69 0.07 1.47 8.22
C GLU A 69 -0.51 2.86 7.98
N CYS A 70 -0.68 3.21 6.71
CA CYS A 70 -1.23 4.50 6.33
C CYS A 70 -2.73 4.57 6.63
N GLY A 71 -3.07 4.86 7.89
CA GLY A 71 -4.45 4.95 8.28
C GLY A 71 -5.24 3.72 7.89
N SER A 72 -4.72 2.54 8.22
CA SER A 72 -5.38 1.29 7.90
C SER A 72 -6.84 1.31 8.34
N ALA A 73 -7.05 1.60 9.62
CA ALA A 73 -8.40 1.64 10.18
C ALA A 73 -9.03 3.02 9.96
N LYS A 74 -8.24 3.94 9.42
CA LYS A 74 -8.72 5.30 9.17
C LYS A 74 -9.43 5.38 7.82
N ARG A 75 -8.70 5.05 6.76
CA ARG A 75 -9.27 5.09 5.42
C ARG A 75 -9.31 3.69 4.80
N ASP A 76 -9.42 2.68 5.67
CA ASP A 76 -9.47 1.29 5.22
C ASP A 76 -8.31 0.98 4.27
N GLY A 77 -7.22 1.73 4.42
CA GLY A 77 -6.06 1.53 3.58
C GLY A 77 -6.37 1.70 2.10
N ASP A 78 -7.48 2.36 1.82
CA ASP A 78 -7.90 2.59 0.44
C ASP A 78 -7.59 4.03 0.02
N LEU A 79 -7.36 4.22 -1.28
CA LEU A 79 -7.06 5.55 -1.81
C LEU A 79 -8.32 6.21 -2.36
N GLY A 80 -8.22 7.51 -2.67
CA GLY A 80 -9.35 8.24 -3.19
C GLY A 80 -9.17 8.61 -4.66
N MET A 81 -10.21 9.21 -5.24
CA MET A 81 -10.16 9.61 -6.64
C MET A 81 -8.95 10.50 -6.91
N VAL A 82 -7.91 9.91 -7.48
CA VAL A 82 -6.69 10.65 -7.80
C VAL A 82 -6.57 10.89 -9.30
N GLU A 83 -6.12 12.08 -9.67
CA GLU A 83 -5.96 12.44 -11.08
C GLU A 83 -4.50 12.30 -11.50
N SER A 84 -4.27 12.26 -12.81
CA SER A 84 -2.92 12.12 -13.36
C SER A 84 -2.05 13.31 -12.96
N GLY A 85 -1.06 13.05 -12.12
CA GLY A 85 -0.17 14.11 -11.67
C GLY A 85 -0.34 14.44 -10.20
N THR A 86 -1.07 13.57 -9.50
CA THR A 86 -1.31 13.78 -8.07
C THR A 86 -0.27 13.07 -7.23
N TYR A 87 0.05 11.83 -7.59
CA TYR A 87 1.04 11.04 -6.87
C TYR A 87 2.42 11.26 -7.44
N THR A 88 3.41 10.54 -6.88
CA THR A 88 4.79 10.66 -7.33
C THR A 88 5.07 9.72 -8.50
N GLU A 89 6.27 9.83 -9.07
CA GLU A 89 6.66 9.00 -10.19
C GLU A 89 6.76 7.54 -9.77
N GLY A 90 6.28 6.64 -10.62
CA GLY A 90 6.32 5.22 -10.33
C GLY A 90 5.03 4.73 -9.71
N PHE A 91 4.36 5.59 -8.96
CA PHE A 91 3.10 5.23 -8.31
C PHE A 91 1.91 5.52 -9.22
N ASP A 92 1.72 6.79 -9.53
CA ASP A 92 0.62 7.21 -10.40
C ASP A 92 0.79 6.65 -11.80
N THR A 93 2.01 6.72 -12.32
CA THR A 93 2.31 6.24 -13.65
C THR A 93 1.80 4.81 -13.84
N VAL A 94 1.98 3.98 -12.81
CA VAL A 94 1.54 2.59 -12.86
C VAL A 94 0.08 2.47 -12.44
N ALA A 95 -0.25 2.99 -11.27
CA ALA A 95 -1.61 2.94 -10.76
C ALA A 95 -2.61 3.35 -11.83
N PHE A 96 -2.31 4.45 -12.53
CA PHE A 96 -3.19 4.94 -13.57
C PHE A 96 -3.08 4.09 -14.83
N SER A 97 -1.89 3.53 -15.05
CA SER A 97 -1.65 2.68 -16.23
C SER A 97 -1.66 1.21 -15.84
N LEU A 98 -2.50 0.87 -14.87
CA LEU A 98 -2.60 -0.52 -14.41
C LEU A 98 -3.90 -1.16 -14.91
N LYS A 99 -3.95 -2.49 -14.85
CA LYS A 99 -5.12 -3.22 -15.30
C LYS A 99 -5.95 -3.71 -14.12
N SER A 100 -7.27 -3.68 -14.26
CA SER A 100 -8.16 -4.11 -13.20
C SER A 100 -7.89 -5.56 -12.82
N GLY A 101 -7.43 -5.77 -11.58
CA GLY A 101 -7.14 -7.12 -11.11
C GLY A 101 -5.66 -7.43 -11.16
N GLU A 102 -4.83 -6.40 -11.00
CA GLU A 102 -3.38 -6.58 -11.04
C GLU A 102 -2.70 -5.63 -10.05
N VAL A 103 -1.61 -6.10 -9.44
CA VAL A 103 -0.87 -5.29 -8.48
C VAL A 103 0.30 -4.59 -9.15
N SER A 104 0.57 -3.36 -8.73
CA SER A 104 1.67 -2.58 -9.29
C SER A 104 3.02 -3.09 -8.78
N ALA A 105 4.09 -2.62 -9.40
CA ALA A 105 5.44 -3.04 -9.01
C ALA A 105 5.78 -2.52 -7.62
N PRO A 106 6.83 -3.10 -7.01
CA PRO A 106 7.29 -2.71 -5.68
C PRO A 106 7.92 -1.32 -5.66
N VAL A 107 7.10 -0.32 -5.35
CA VAL A 107 7.57 1.06 -5.30
C VAL A 107 8.26 1.35 -3.97
N GLU A 108 9.39 2.05 -4.03
CA GLU A 108 10.16 2.39 -2.84
C GLU A 108 10.40 3.90 -2.76
N THR A 109 9.66 4.57 -1.90
CA THR A 109 9.79 6.01 -1.73
C THR A 109 10.72 6.35 -0.57
N GLU A 110 11.14 7.61 -0.50
CA GLU A 110 12.03 8.05 0.56
C GLU A 110 11.45 7.72 1.94
N LEU A 111 10.14 7.84 2.07
CA LEU A 111 9.46 7.55 3.33
C LEU A 111 9.43 6.05 3.59
N GLY A 112 9.12 5.27 2.56
CA GLY A 112 9.06 3.83 2.71
C GLY A 112 8.58 3.14 1.44
N VAL A 113 8.37 1.83 1.55
CA VAL A 113 7.91 1.05 0.40
C VAL A 113 6.40 0.82 0.46
N HIS A 114 5.76 0.78 -0.70
CA HIS A 114 4.32 0.57 -0.78
C HIS A 114 3.93 0.01 -2.14
N LEU A 115 2.76 -0.61 -2.21
CA LEU A 115 2.26 -1.20 -3.45
C LEU A 115 0.90 -0.63 -3.82
N ILE A 116 0.44 -0.94 -5.02
CA ILE A 116 -0.86 -0.45 -5.48
C ILE A 116 -1.69 -1.59 -6.06
N TYR A 117 -3.01 -1.48 -5.94
CA TYR A 117 -3.92 -2.51 -6.44
C TYR A 117 -5.10 -1.87 -7.16
N ARG A 118 -5.28 -2.23 -8.43
CA ARG A 118 -6.38 -1.70 -9.23
C ARG A 118 -7.68 -2.42 -8.91
N VAL A 119 -8.71 -1.65 -8.56
CA VAL A 119 -10.01 -2.21 -8.23
C VAL A 119 -11.10 -1.67 -9.16
N GLU A 120 -11.88 -2.58 -9.73
CA GLU A 120 -12.96 -2.20 -10.64
C GLU A 120 -12.44 -1.26 -11.73
N PRO A 1 -7.05 14.97 -15.67
CA PRO A 1 -8.00 14.67 -16.74
C PRO A 1 -9.07 13.68 -16.30
N THR A 2 -8.65 12.65 -15.57
CA THR A 2 -9.58 11.63 -15.10
C THR A 2 -9.11 11.04 -13.77
N GLU A 3 -10.07 10.63 -12.94
CA GLU A 3 -9.76 10.05 -11.64
C GLU A 3 -9.90 8.53 -11.67
N ARG A 4 -9.14 7.86 -10.82
CA ARG A 4 -9.18 6.40 -10.74
C ARG A 4 -9.61 5.93 -9.35
N HIS A 5 -9.68 4.62 -9.18
CA HIS A 5 -10.08 4.03 -7.90
C HIS A 5 -9.32 2.75 -7.62
N PHE A 6 -8.34 2.82 -6.73
CA PHE A 6 -7.53 1.66 -6.38
C PHE A 6 -7.07 1.73 -4.93
N TYR A 7 -6.48 0.65 -4.45
CA TYR A 7 -6.01 0.59 -3.07
C TYR A 7 -4.48 0.53 -3.02
N HIS A 8 -3.92 0.56 -1.82
CA HIS A 8 -2.48 0.51 -1.64
C HIS A 8 -2.12 0.05 -0.23
N VAL A 9 -0.92 -0.49 -0.08
CA VAL A 9 -0.46 -0.97 1.23
C VAL A 9 0.81 -0.24 1.66
N LEU A 10 0.68 0.61 2.67
CA LEU A 10 1.82 1.37 3.18
C LEU A 10 2.59 0.56 4.23
N VAL A 11 3.88 0.34 3.97
CA VAL A 11 4.71 -0.41 4.88
C VAL A 11 6.03 0.31 5.15
N LYS A 12 6.42 0.37 6.41
CA LYS A 12 7.67 1.05 6.80
C LYS A 12 8.46 0.19 7.78
N HIS A 13 9.48 0.78 8.38
CA HIS A 13 10.33 0.07 9.34
C HIS A 13 11.04 1.06 10.27
N LYS A 14 11.62 0.53 11.34
CA LYS A 14 12.34 1.35 12.30
C LYS A 14 13.61 1.92 11.69
N ASP A 15 13.98 1.41 10.52
CA ASP A 15 15.19 1.87 9.83
C ASP A 15 14.84 2.95 8.81
N VAL A 16 13.81 3.75 9.12
CA VAL A 16 13.40 4.81 8.22
C VAL A 16 13.63 6.18 8.84
N ARG A 17 13.17 7.23 8.18
CA ARG A 17 13.33 8.59 8.67
C ARG A 17 12.26 8.93 9.70
N ARG A 18 11.06 8.43 9.48
CA ARG A 18 9.95 8.69 10.39
C ARG A 18 9.21 7.40 10.72
N PRO A 19 9.90 6.50 11.47
CA PRO A 19 9.32 5.22 11.87
C PRO A 19 8.22 5.37 12.91
N SER A 20 7.01 5.67 12.44
CA SER A 20 5.88 5.84 13.33
C SER A 20 4.57 5.60 12.58
N SER A 21 3.54 5.18 13.33
CA SER A 21 2.23 4.90 12.74
C SER A 21 1.23 5.98 13.12
N LEU A 22 0.35 6.32 12.19
CA LEU A 22 -0.67 7.34 12.42
C LEU A 22 -2.03 6.69 12.68
N ALA A 23 -2.14 5.98 13.80
CA ALA A 23 -3.38 5.32 14.17
C ALA A 23 -4.09 6.08 15.29
N PRO A 24 -5.40 5.80 15.44
CA PRO A 24 -6.21 6.45 16.48
C PRO A 24 -5.85 5.99 17.88
N ARG A 25 -5.33 4.78 17.99
CA ARG A 25 -4.93 4.22 19.28
C ARG A 25 -3.42 4.30 19.46
N ASN A 26 -2.70 4.43 18.35
CA ASN A 26 -1.25 4.52 18.40
C ASN A 26 -0.75 5.73 17.61
N LYS A 27 -1.42 6.86 17.80
CA LYS A 27 -1.05 8.10 17.12
C LYS A 27 0.24 8.67 17.69
N GLY A 28 1.19 8.96 16.80
CA GLY A 28 2.46 9.52 17.24
C GLY A 28 3.29 8.50 18.00
N GLU A 29 2.87 7.25 17.99
CA GLU A 29 3.58 6.19 18.69
C GLU A 29 4.65 5.57 17.79
N LYS A 30 5.73 5.09 18.41
CA LYS A 30 6.82 4.47 17.67
C LYS A 30 6.56 2.97 17.46
N ILE A 31 7.15 2.42 16.42
CA ILE A 31 6.97 1.00 16.12
C ILE A 31 8.28 0.24 16.32
N THR A 32 8.18 -0.91 16.98
CA THR A 32 9.36 -1.74 17.24
C THR A 32 9.57 -2.77 16.13
N ARG A 33 9.35 -2.34 14.89
CA ARG A 33 9.52 -3.22 13.74
C ARG A 33 10.90 -3.04 13.11
N SER A 34 11.21 -3.90 12.14
CA SER A 34 12.50 -3.84 11.47
C SER A 34 12.32 -3.76 9.96
N ARG A 35 13.44 -3.60 9.24
CA ARG A 35 13.40 -3.50 7.79
C ARG A 35 12.89 -4.79 7.18
N ALA A 36 13.33 -5.92 7.72
CA ALA A 36 12.92 -7.23 7.22
C ALA A 36 11.41 -7.42 7.36
N ASP A 37 10.82 -6.75 8.35
CA ASP A 37 9.39 -6.84 8.59
C ASP A 37 8.61 -6.01 7.58
N ALA A 38 9.24 -4.96 7.08
CA ALA A 38 8.61 -4.08 6.10
C ALA A 38 8.45 -4.78 4.75
N ILE A 39 9.58 -5.18 4.17
CA ILE A 39 9.56 -5.86 2.88
C ILE A 39 8.74 -7.15 2.95
N ASN A 40 9.01 -7.96 3.96
CA ASN A 40 8.29 -9.23 4.13
C ASN A 40 6.79 -8.99 4.22
N LEU A 41 6.41 -7.78 4.61
CA LEU A 41 4.99 -7.42 4.72
C LEU A 41 4.33 -7.38 3.36
N ALA A 42 4.83 -6.49 2.49
CA ALA A 42 4.29 -6.36 1.14
C ALA A 42 4.52 -7.62 0.32
N GLN A 43 5.73 -8.18 0.43
CA GLN A 43 6.09 -9.38 -0.30
C GLN A 43 5.16 -10.53 0.06
N ALA A 44 4.79 -10.62 1.34
CA ALA A 44 3.90 -11.67 1.81
C ALA A 44 2.55 -11.60 1.12
N ILE A 45 2.04 -10.38 0.95
CA ILE A 45 0.74 -10.17 0.31
C ILE A 45 0.76 -10.68 -1.13
N LEU A 46 1.80 -10.31 -1.87
CA LEU A 46 1.93 -10.73 -3.26
C LEU A 46 1.98 -12.24 -3.37
N ALA A 47 2.31 -12.90 -2.26
CA ALA A 47 2.39 -14.36 -2.23
C ALA A 47 1.10 -14.97 -1.71
N GLN A 48 0.29 -14.15 -1.05
CA GLN A 48 -0.98 -14.62 -0.49
C GLN A 48 -1.86 -15.22 -1.58
N HIS A 49 -1.62 -14.81 -2.82
CA HIS A 49 -2.41 -15.31 -3.95
C HIS A 49 -1.55 -16.24 -4.82
N LYS A 50 -0.46 -16.74 -4.25
CA LYS A 50 0.44 -17.63 -4.97
C LYS A 50 -0.29 -18.91 -5.40
N GLU A 51 0.38 -19.71 -6.22
CA GLU A 51 -0.21 -20.96 -6.69
C GLU A 51 -1.43 -20.69 -7.57
N ARG A 52 -1.59 -19.44 -7.99
CA ARG A 52 -2.71 -19.05 -8.82
C ARG A 52 -2.59 -17.59 -9.27
N LYS A 53 -2.44 -17.38 -10.57
CA LYS A 53 -2.31 -16.04 -11.12
C LYS A 53 -3.65 -15.33 -11.14
N THR A 54 -4.15 -14.99 -9.95
CA THR A 54 -5.43 -14.30 -9.84
C THR A 54 -5.48 -13.44 -8.57
N TRP A 55 -5.45 -12.14 -8.75
CA TRP A 55 -5.50 -11.21 -7.62
C TRP A 55 -6.92 -10.70 -7.38
N SER A 56 -7.57 -11.22 -6.35
CA SER A 56 -8.93 -10.83 -6.02
C SER A 56 -8.95 -9.48 -5.30
N LEU A 57 -10.03 -8.74 -5.48
CA LEU A 57 -10.17 -7.43 -4.85
C LEU A 57 -10.38 -7.57 -3.34
N ASP A 58 -11.49 -8.19 -2.95
CA ASP A 58 -11.80 -8.39 -1.55
C ASP A 58 -10.65 -9.08 -0.83
N GLU A 59 -9.84 -9.83 -1.59
CA GLU A 59 -8.70 -10.54 -1.02
C GLU A 59 -7.60 -9.58 -0.62
N PHE A 60 -7.48 -8.47 -1.34
CA PHE A 60 -6.47 -7.46 -1.06
C PHE A 60 -6.95 -6.51 0.03
N VAL A 61 -8.19 -6.05 -0.09
CA VAL A 61 -8.77 -5.13 0.87
C VAL A 61 -8.60 -5.65 2.30
N GLN A 62 -8.57 -6.98 2.43
CA GLN A 62 -8.43 -7.60 3.74
C GLN A 62 -6.99 -7.44 4.25
N VAL A 63 -6.03 -7.58 3.36
CA VAL A 63 -4.62 -7.44 3.72
C VAL A 63 -4.20 -5.98 3.77
N VAL A 64 -4.98 -5.13 3.12
CA VAL A 64 -4.69 -3.70 3.09
C VAL A 64 -4.77 -3.09 4.48
N ARG A 65 -5.92 -3.24 5.12
CA ARG A 65 -6.13 -2.71 6.47
C ARG A 65 -5.43 -3.58 7.51
N ASP A 66 -4.84 -4.68 7.05
CA ASP A 66 -4.15 -5.60 7.95
C ASP A 66 -2.63 -5.41 7.84
N PHE A 67 -2.20 -4.80 6.75
CA PHE A 67 -0.78 -4.57 6.53
C PHE A 67 -0.47 -3.08 6.47
N SER A 68 -1.16 -2.37 5.58
CA SER A 68 -0.97 -0.93 5.43
C SER A 68 -0.93 -0.24 6.78
N GLU A 69 -0.06 0.76 6.90
CA GLU A 69 0.07 1.51 8.16
C GLU A 69 -0.39 2.95 7.98
N CYS A 70 -0.87 3.28 6.78
CA CYS A 70 -1.35 4.62 6.48
C CYS A 70 -2.73 4.85 7.09
N GLY A 71 -2.79 4.88 8.41
CA GLY A 71 -4.05 5.09 9.10
C GLY A 71 -5.09 4.04 8.75
N SER A 72 -4.90 2.84 9.30
CA SER A 72 -5.83 1.74 9.05
C SER A 72 -7.27 2.15 9.37
N ALA A 73 -7.43 2.88 10.46
CA ALA A 73 -8.75 3.33 10.89
C ALA A 73 -9.11 4.66 10.21
N LYS A 74 -8.13 5.29 9.57
CA LYS A 74 -8.36 6.55 8.89
C LYS A 74 -8.82 6.33 7.45
N ARG A 75 -7.96 5.71 6.65
CA ARG A 75 -8.29 5.44 5.25
C ARG A 75 -8.27 3.93 4.98
N ASP A 76 -7.81 3.17 5.96
CA ASP A 76 -7.75 1.71 5.82
C ASP A 76 -6.93 1.32 4.59
N GLY A 77 -5.81 2.01 4.39
CA GLY A 77 -4.96 1.71 3.24
C GLY A 77 -5.72 1.76 1.93
N ASP A 78 -6.81 2.51 1.91
CA ASP A 78 -7.64 2.63 0.71
C ASP A 78 -7.52 4.04 0.12
N LEU A 79 -7.21 4.12 -1.17
CA LEU A 79 -7.06 5.39 -1.85
C LEU A 79 -8.41 5.87 -2.40
N GLY A 80 -8.53 7.19 -2.59
CA GLY A 80 -9.77 7.74 -3.09
C GLY A 80 -9.66 8.13 -4.56
N MET A 81 -10.66 8.86 -5.04
CA MET A 81 -10.68 9.30 -6.44
C MET A 81 -9.53 10.24 -6.73
N VAL A 82 -8.41 9.68 -7.19
CA VAL A 82 -7.23 10.48 -7.50
C VAL A 82 -7.06 10.63 -9.02
N GLU A 83 -6.80 11.86 -9.44
CA GLU A 83 -6.63 12.15 -10.87
C GLU A 83 -5.14 12.25 -11.22
N SER A 84 -4.81 11.88 -12.45
CA SER A 84 -3.43 11.93 -12.92
C SER A 84 -2.77 13.24 -12.54
N GLY A 85 -1.73 13.17 -11.72
CA GLY A 85 -1.03 14.37 -11.29
C GLY A 85 -1.23 14.68 -9.82
N THR A 86 -1.79 13.72 -9.09
CA THR A 86 -2.04 13.89 -7.67
C THR A 86 -0.91 13.28 -6.83
N TYR A 87 -0.56 12.05 -7.14
CA TYR A 87 0.50 11.34 -6.43
C TYR A 87 1.88 11.75 -6.95
N THR A 88 2.92 11.13 -6.41
CA THR A 88 4.28 11.42 -6.83
C THR A 88 4.68 10.57 -8.04
N GLU A 89 5.90 10.79 -8.53
CA GLU A 89 6.40 10.04 -9.68
C GLU A 89 6.63 8.58 -9.32
N GLY A 90 6.28 7.68 -10.23
CA GLY A 90 6.46 6.26 -9.98
C GLY A 90 5.20 5.59 -9.46
N PHE A 91 4.41 6.34 -8.69
CA PHE A 91 3.17 5.81 -8.13
C PHE A 91 1.99 6.08 -9.07
N ASP A 92 1.68 7.35 -9.28
CA ASP A 92 0.58 7.74 -10.15
C ASP A 92 0.80 7.21 -11.57
N THR A 93 2.06 6.88 -11.88
CA THR A 93 2.40 6.37 -13.20
C THR A 93 1.93 4.93 -13.38
N VAL A 94 2.16 4.11 -12.37
CA VAL A 94 1.76 2.71 -12.41
C VAL A 94 0.31 2.54 -11.94
N ALA A 95 -0.02 3.17 -10.82
CA ALA A 95 -1.37 3.10 -10.28
C ALA A 95 -2.42 3.40 -11.34
N PHE A 96 -2.19 4.47 -12.09
CA PHE A 96 -3.11 4.87 -13.14
C PHE A 96 -2.92 4.01 -14.40
N SER A 97 -1.79 3.31 -14.46
CA SER A 97 -1.49 2.46 -15.60
C SER A 97 -1.47 0.99 -15.20
N LEU A 98 -2.28 0.67 -14.18
CA LEU A 98 -2.37 -0.71 -13.69
C LEU A 98 -3.49 -1.47 -14.41
N LYS A 99 -3.46 -2.79 -14.31
CA LYS A 99 -4.47 -3.62 -14.94
C LYS A 99 -5.53 -4.06 -13.92
N SER A 100 -6.76 -4.25 -14.40
CA SER A 100 -7.85 -4.65 -13.53
C SER A 100 -7.52 -5.96 -12.80
N GLY A 101 -7.44 -5.88 -11.48
CA GLY A 101 -7.12 -7.06 -10.69
C GLY A 101 -5.64 -7.40 -10.73
N GLU A 102 -4.81 -6.38 -10.89
CA GLU A 102 -3.37 -6.58 -10.94
C GLU A 102 -2.65 -5.65 -9.97
N VAL A 103 -1.60 -6.16 -9.34
CA VAL A 103 -0.83 -5.37 -8.39
C VAL A 103 0.39 -4.74 -9.06
N SER A 104 0.70 -3.50 -8.68
CA SER A 104 1.84 -2.79 -9.24
C SER A 104 3.15 -3.24 -8.59
N ALA A 105 4.26 -2.77 -9.13
CA ALA A 105 5.57 -3.12 -8.60
C ALA A 105 5.81 -2.47 -7.25
N PRO A 106 6.81 -2.98 -6.51
CA PRO A 106 7.16 -2.46 -5.19
C PRO A 106 7.77 -1.07 -5.24
N VAL A 107 6.94 -0.04 -5.13
CA VAL A 107 7.40 1.33 -5.17
C VAL A 107 8.11 1.72 -3.87
N GLU A 108 9.27 2.34 -4.00
CA GLU A 108 10.04 2.76 -2.83
C GLU A 108 10.14 4.28 -2.77
N THR A 109 9.35 4.89 -1.89
CA THR A 109 9.35 6.34 -1.72
C THR A 109 10.34 6.77 -0.65
N GLU A 110 10.77 8.02 -0.72
CA GLU A 110 11.72 8.56 0.24
C GLU A 110 11.20 8.40 1.67
N LEU A 111 9.88 8.32 1.80
CA LEU A 111 9.25 8.17 3.11
C LEU A 111 9.11 6.70 3.48
N GLY A 112 8.82 5.87 2.47
CA GLY A 112 8.67 4.44 2.71
C GLY A 112 8.23 3.69 1.48
N VAL A 113 8.11 2.38 1.60
CA VAL A 113 7.69 1.55 0.47
C VAL A 113 6.21 1.17 0.59
N HIS A 114 5.56 1.01 -0.56
CA HIS A 114 4.15 0.65 -0.59
C HIS A 114 3.76 0.09 -1.95
N LEU A 115 2.69 -0.70 -1.98
CA LEU A 115 2.21 -1.31 -3.22
C LEU A 115 0.84 -0.75 -3.61
N ILE A 116 0.44 -1.01 -4.85
CA ILE A 116 -0.85 -0.54 -5.33
C ILE A 116 -1.67 -1.68 -5.92
N TYR A 117 -2.99 -1.57 -5.85
CA TYR A 117 -3.88 -2.60 -6.38
C TYR A 117 -5.05 -1.96 -7.12
N ARG A 118 -5.22 -2.34 -8.38
CA ARG A 118 -6.31 -1.82 -9.20
C ARG A 118 -7.62 -2.51 -8.87
N VAL A 119 -8.63 -1.71 -8.52
CA VAL A 119 -9.94 -2.25 -8.18
C VAL A 119 -10.79 -2.46 -9.42
N GLU A 120 -11.36 -3.65 -9.56
CA GLU A 120 -12.19 -3.98 -10.70
C GLU A 120 -13.35 -3.01 -10.82
N PRO A 1 -8.79 15.66 -14.19
CA PRO A 1 -9.69 15.36 -15.31
C PRO A 1 -10.33 13.99 -15.17
N THR A 2 -9.52 12.99 -14.83
CA THR A 2 -10.03 11.63 -14.66
C THR A 2 -9.46 10.98 -13.40
N GLU A 3 -10.35 10.56 -12.52
CA GLU A 3 -9.94 9.93 -11.27
C GLU A 3 -10.07 8.41 -11.36
N ARG A 4 -9.19 7.71 -10.65
CA ARG A 4 -9.21 6.25 -10.64
C ARG A 4 -9.66 5.71 -9.29
N HIS A 5 -9.72 4.39 -9.18
CA HIS A 5 -10.14 3.74 -7.93
C HIS A 5 -9.33 2.47 -7.69
N PHE A 6 -8.37 2.56 -6.77
CA PHE A 6 -7.53 1.41 -6.44
C PHE A 6 -7.10 1.46 -4.97
N TYR A 7 -6.44 0.39 -4.52
CA TYR A 7 -5.97 0.31 -3.15
C TYR A 7 -4.45 0.29 -3.08
N HIS A 8 -3.91 0.32 -1.87
CA HIS A 8 -2.46 0.31 -1.68
C HIS A 8 -2.11 -0.21 -0.28
N VAL A 9 -0.85 -0.59 -0.10
CA VAL A 9 -0.39 -1.09 1.19
C VAL A 9 0.88 -0.37 1.64
N LEU A 10 0.74 0.47 2.67
CA LEU A 10 1.87 1.22 3.20
C LEU A 10 2.63 0.40 4.23
N VAL A 11 3.91 0.15 3.96
CA VAL A 11 4.75 -0.61 4.87
C VAL A 11 6.05 0.13 5.17
N LYS A 12 6.42 0.17 6.44
CA LYS A 12 7.65 0.84 6.87
C LYS A 12 8.39 0.01 7.90
N HIS A 13 9.47 0.58 8.44
CA HIS A 13 10.28 -0.12 9.45
C HIS A 13 10.91 0.89 10.41
N LYS A 14 11.46 0.37 11.51
CA LYS A 14 12.10 1.22 12.51
C LYS A 14 13.45 1.72 12.01
N ASP A 15 13.87 1.24 10.85
CA ASP A 15 15.14 1.65 10.26
C ASP A 15 14.92 2.72 9.20
N VAL A 16 13.83 3.46 9.33
CA VAL A 16 13.52 4.53 8.39
C VAL A 16 13.87 5.90 8.96
N ARG A 17 13.53 6.95 8.21
CA ARG A 17 13.81 8.30 8.64
C ARG A 17 12.78 8.77 9.67
N ARG A 18 11.55 8.29 9.53
CA ARG A 18 10.47 8.65 10.44
C ARG A 18 9.56 7.46 10.71
N PRO A 19 10.06 6.49 11.48
CA PRO A 19 9.30 5.28 11.83
C PRO A 19 8.15 5.57 12.77
N SER A 20 7.04 6.02 12.22
CA SER A 20 5.86 6.35 13.01
C SER A 20 4.58 6.14 12.21
N SER A 21 3.50 5.78 12.89
CA SER A 21 2.22 5.55 12.25
C SER A 21 1.30 6.74 12.42
N LEU A 22 0.61 7.13 11.35
CA LEU A 22 -0.31 8.26 11.39
C LEU A 22 -1.74 7.79 11.56
N ALA A 23 -2.03 7.18 12.71
CA ALA A 23 -3.37 6.69 13.00
C ALA A 23 -4.05 7.53 14.07
N PRO A 24 -5.38 7.41 14.16
CA PRO A 24 -6.18 8.16 15.14
C PRO A 24 -5.93 7.67 16.57
N ARG A 25 -5.58 6.40 16.70
CA ARG A 25 -5.33 5.81 18.01
C ARG A 25 -3.83 5.68 18.27
N ASN A 26 -3.04 5.72 17.20
CA ASN A 26 -1.59 5.60 17.31
C ASN A 26 -0.90 6.76 16.58
N LYS A 27 -1.46 7.95 16.71
CA LYS A 27 -0.89 9.13 16.08
C LYS A 27 0.43 9.51 16.72
N GLY A 28 1.45 9.72 15.89
CA GLY A 28 2.76 10.08 16.39
C GLY A 28 3.42 8.96 17.15
N GLU A 29 2.84 7.77 17.07
CA GLU A 29 3.39 6.60 17.76
C GLU A 29 4.51 5.96 16.95
N LYS A 30 5.44 5.32 17.65
CA LYS A 30 6.57 4.66 16.99
C LYS A 30 6.25 3.20 16.69
N ILE A 31 6.76 2.73 15.56
CA ILE A 31 6.54 1.34 15.15
C ILE A 31 7.70 0.46 15.55
N THR A 32 7.40 -0.65 16.23
CA THR A 32 8.43 -1.59 16.65
C THR A 32 8.65 -2.69 15.62
N ARG A 33 8.93 -2.29 14.39
CA ARG A 33 9.16 -3.24 13.31
C ARG A 33 10.57 -3.09 12.74
N SER A 34 11.08 -4.17 12.15
CA SER A 34 12.42 -4.15 11.57
C SER A 34 12.34 -4.06 10.04
N ARG A 35 13.46 -3.69 9.43
CA ARG A 35 13.53 -3.56 7.98
C ARG A 35 13.03 -4.83 7.30
N ALA A 36 13.23 -5.97 7.95
CA ALA A 36 12.78 -7.25 7.40
C ALA A 36 11.27 -7.36 7.44
N ASP A 37 10.65 -6.78 8.46
CA ASP A 37 9.20 -6.82 8.60
C ASP A 37 8.53 -5.96 7.54
N ALA A 38 9.28 -5.01 6.99
CA ALA A 38 8.76 -4.12 5.97
C ALA A 38 8.60 -4.84 4.64
N ILE A 39 9.69 -5.42 4.15
CA ILE A 39 9.68 -6.15 2.89
C ILE A 39 8.83 -7.41 2.99
N ASN A 40 9.08 -8.21 4.02
CA ASN A 40 8.34 -9.44 4.23
C ASN A 40 6.84 -9.19 4.22
N LEU A 41 6.45 -7.98 4.62
CA LEU A 41 5.03 -7.61 4.65
C LEU A 41 4.45 -7.53 3.24
N ALA A 42 5.05 -6.68 2.41
CA ALA A 42 4.60 -6.51 1.04
C ALA A 42 4.79 -7.80 0.24
N GLN A 43 5.92 -8.47 0.47
CA GLN A 43 6.22 -9.71 -0.23
C GLN A 43 5.22 -10.80 0.13
N ALA A 44 4.91 -10.91 1.42
CA ALA A 44 3.97 -11.91 1.89
C ALA A 44 2.61 -11.75 1.20
N ILE A 45 2.30 -10.53 0.79
CA ILE A 45 1.03 -10.25 0.12
C ILE A 45 1.05 -10.76 -1.31
N LEU A 46 2.07 -10.37 -2.07
CA LEU A 46 2.21 -10.79 -3.46
C LEU A 46 2.22 -12.31 -3.57
N ALA A 47 2.66 -12.97 -2.50
CA ALA A 47 2.71 -14.43 -2.48
C ALA A 47 1.49 -15.01 -1.79
N GLN A 48 0.71 -14.15 -1.14
CA GLN A 48 -0.48 -14.58 -0.43
C GLN A 48 -1.45 -15.29 -1.38
N HIS A 49 -1.31 -15.02 -2.68
CA HIS A 49 -2.17 -15.64 -3.67
C HIS A 49 -1.38 -16.58 -4.57
N LYS A 50 -0.30 -17.13 -4.02
CA LYS A 50 0.55 -18.04 -4.78
C LYS A 50 -0.24 -19.28 -5.22
N GLU A 51 0.40 -20.13 -6.02
CA GLU A 51 -0.25 -21.33 -6.52
C GLU A 51 -1.42 -21.00 -7.43
N ARG A 52 -1.47 -19.74 -7.86
CA ARG A 52 -2.54 -19.28 -8.74
C ARG A 52 -2.32 -17.83 -9.16
N LYS A 53 -2.21 -17.61 -10.46
CA LYS A 53 -1.99 -16.26 -10.99
C LYS A 53 -3.31 -15.49 -11.08
N THR A 54 -3.89 -15.20 -9.93
CA THR A 54 -5.16 -14.47 -9.88
C THR A 54 -5.25 -13.61 -8.63
N TRP A 55 -5.16 -12.29 -8.84
CA TRP A 55 -5.24 -11.35 -7.73
C TRP A 55 -6.66 -10.86 -7.51
N SER A 56 -7.33 -11.43 -6.51
CA SER A 56 -8.71 -11.07 -6.20
C SER A 56 -8.76 -9.73 -5.47
N LEU A 57 -9.88 -9.04 -5.59
CA LEU A 57 -10.06 -7.74 -4.93
C LEU A 57 -10.22 -7.92 -3.43
N ASP A 58 -11.32 -8.55 -3.02
CA ASP A 58 -11.58 -8.77 -1.61
C ASP A 58 -10.41 -9.48 -0.94
N GLU A 59 -9.61 -10.17 -1.74
CA GLU A 59 -8.45 -10.89 -1.22
C GLU A 59 -7.36 -9.92 -0.79
N PHE A 60 -7.26 -8.80 -1.50
CA PHE A 60 -6.25 -7.79 -1.20
C PHE A 60 -6.74 -6.85 -0.10
N VAL A 61 -7.99 -6.40 -0.20
CA VAL A 61 -8.57 -5.51 0.79
C VAL A 61 -8.38 -6.05 2.20
N GLN A 62 -8.33 -7.37 2.32
CA GLN A 62 -8.15 -8.02 3.61
C GLN A 62 -6.72 -7.82 4.13
N VAL A 63 -5.76 -7.90 3.22
CA VAL A 63 -4.35 -7.72 3.59
C VAL A 63 -3.99 -6.24 3.66
N VAL A 64 -4.79 -5.41 3.01
CA VAL A 64 -4.56 -3.97 3.00
C VAL A 64 -4.63 -3.39 4.41
N ARG A 65 -5.78 -3.59 5.06
CA ARG A 65 -5.99 -3.08 6.41
C ARG A 65 -5.25 -3.95 7.43
N ASP A 66 -4.62 -5.02 6.95
CA ASP A 66 -3.88 -5.93 7.82
C ASP A 66 -2.38 -5.69 7.71
N PHE A 67 -1.98 -5.00 6.64
CA PHE A 67 -0.57 -4.70 6.40
C PHE A 67 -0.33 -3.20 6.38
N SER A 68 -1.06 -2.50 5.51
CA SER A 68 -0.93 -1.06 5.38
C SER A 68 -0.91 -0.39 6.75
N GLU A 69 -0.04 0.62 6.90
CA GLU A 69 0.07 1.34 8.16
C GLU A 69 -0.34 2.80 7.99
N CYS A 70 -0.93 3.11 6.84
CA CYS A 70 -1.37 4.47 6.55
C CYS A 70 -2.77 4.72 7.11
N GLY A 71 -2.86 4.83 8.43
CA GLY A 71 -4.14 5.07 9.07
C GLY A 71 -5.17 4.01 8.72
N SER A 72 -5.02 2.82 9.30
CA SER A 72 -5.93 1.72 9.04
C SER A 72 -7.37 2.13 9.34
N ALA A 73 -7.55 2.94 10.39
CA ALA A 73 -8.88 3.39 10.78
C ALA A 73 -9.26 4.67 10.03
N LYS A 74 -8.28 5.26 9.34
CA LYS A 74 -8.50 6.48 8.58
C LYS A 74 -8.96 6.17 7.17
N ARG A 75 -8.10 5.52 6.41
CA ARG A 75 -8.41 5.15 5.03
C ARG A 75 -8.36 3.63 4.85
N ASP A 76 -7.90 2.93 5.87
CA ASP A 76 -7.81 1.48 5.82
C ASP A 76 -6.97 1.02 4.64
N GLY A 77 -5.90 1.77 4.36
CA GLY A 77 -5.04 1.42 3.24
C GLY A 77 -5.76 1.42 1.91
N ASP A 78 -6.93 2.05 1.88
CA ASP A 78 -7.74 2.10 0.66
C ASP A 78 -7.76 3.53 0.11
N LEU A 79 -7.36 3.66 -1.15
CA LEU A 79 -7.34 4.97 -1.81
C LEU A 79 -8.72 5.32 -2.37
N GLY A 80 -8.97 6.61 -2.53
CA GLY A 80 -10.25 7.06 -3.05
C GLY A 80 -10.13 7.65 -4.45
N MET A 81 -11.17 8.36 -4.88
CA MET A 81 -11.17 8.98 -6.20
C MET A 81 -10.00 9.93 -6.36
N VAL A 82 -8.96 9.47 -7.07
CA VAL A 82 -7.77 10.28 -7.29
C VAL A 82 -7.48 10.43 -8.77
N GLU A 83 -7.31 11.66 -9.23
CA GLU A 83 -7.03 11.94 -10.63
C GLU A 83 -5.57 12.33 -10.83
N SER A 84 -5.12 12.30 -12.08
CA SER A 84 -3.74 12.65 -12.40
C SER A 84 -3.33 13.95 -11.70
N GLY A 85 -2.28 13.88 -10.89
CA GLY A 85 -1.81 15.06 -10.19
C GLY A 85 -2.09 14.99 -8.71
N THR A 86 -2.46 13.82 -8.22
CA THR A 86 -2.76 13.62 -6.80
C THR A 86 -1.58 12.98 -6.08
N TYR A 87 -1.10 11.87 -6.61
CA TYR A 87 0.02 11.16 -6.02
C TYR A 87 1.35 11.67 -6.57
N THR A 88 2.45 11.12 -6.05
CA THR A 88 3.78 11.52 -6.49
C THR A 88 4.23 10.71 -7.70
N GLU A 89 5.45 10.96 -8.16
CA GLU A 89 5.99 10.25 -9.31
C GLU A 89 6.24 8.78 -8.98
N GLY A 90 5.98 7.90 -9.94
CA GLY A 90 6.17 6.48 -9.73
C GLY A 90 4.91 5.79 -9.25
N PHE A 91 4.12 6.50 -8.46
CA PHE A 91 2.87 5.93 -7.93
C PHE A 91 1.70 6.23 -8.86
N ASP A 92 1.39 7.50 -9.02
CA ASP A 92 0.29 7.92 -9.89
C ASP A 92 0.52 7.45 -11.32
N THR A 93 1.77 7.15 -11.64
CA THR A 93 2.14 6.70 -12.98
C THR A 93 1.71 5.25 -13.20
N VAL A 94 1.97 4.41 -12.21
CA VAL A 94 1.61 3.00 -12.30
C VAL A 94 0.17 2.77 -11.87
N ALA A 95 -0.18 3.30 -10.70
CA ALA A 95 -1.53 3.16 -10.16
C ALA A 95 -2.58 3.47 -11.23
N PHE A 96 -2.39 4.59 -11.93
CA PHE A 96 -3.32 4.99 -12.98
C PHE A 96 -3.16 4.12 -14.22
N SER A 97 -1.92 3.73 -14.51
CA SER A 97 -1.64 2.90 -15.67
C SER A 97 -1.58 1.43 -15.28
N LEU A 98 -2.37 1.06 -14.28
CA LEU A 98 -2.41 -0.33 -13.81
C LEU A 98 -3.53 -1.10 -14.51
N LYS A 99 -3.45 -2.43 -14.44
CA LYS A 99 -4.46 -3.28 -15.06
C LYS A 99 -5.48 -3.77 -14.02
N SER A 100 -6.75 -3.66 -14.37
CA SER A 100 -7.83 -4.08 -13.46
C SER A 100 -7.59 -5.51 -12.97
N GLY A 101 -7.28 -5.64 -11.69
CA GLY A 101 -7.04 -6.95 -11.12
C GLY A 101 -5.58 -7.34 -11.13
N GLU A 102 -4.71 -6.33 -11.05
CA GLU A 102 -3.27 -6.56 -11.06
C GLU A 102 -2.55 -5.64 -10.07
N VAL A 103 -1.48 -6.14 -9.48
CA VAL A 103 -0.71 -5.36 -8.52
C VAL A 103 0.50 -4.71 -9.18
N SER A 104 0.78 -3.47 -8.80
CA SER A 104 1.90 -2.73 -9.35
C SER A 104 3.21 -3.16 -8.70
N ALA A 105 4.32 -2.64 -9.22
CA ALA A 105 5.64 -2.96 -8.69
C ALA A 105 5.85 -2.34 -7.31
N PRO A 106 6.85 -2.85 -6.57
CA PRO A 106 7.17 -2.36 -5.23
C PRO A 106 7.78 -0.96 -5.27
N VAL A 107 6.94 0.06 -5.13
CA VAL A 107 7.40 1.44 -5.14
C VAL A 107 8.09 1.80 -3.83
N GLU A 108 9.22 2.50 -3.94
CA GLU A 108 9.97 2.92 -2.76
C GLU A 108 10.06 4.43 -2.67
N THR A 109 9.27 5.02 -1.78
CA THR A 109 9.26 6.47 -1.59
C THR A 109 10.20 6.88 -0.47
N GLU A 110 10.61 8.14 -0.49
CA GLU A 110 11.51 8.67 0.53
C GLU A 110 10.96 8.39 1.93
N LEU A 111 9.63 8.38 2.05
CA LEU A 111 8.98 8.13 3.33
C LEU A 111 8.96 6.65 3.65
N GLY A 112 8.69 5.83 2.63
CA GLY A 112 8.64 4.40 2.83
C GLY A 112 8.22 3.66 1.57
N VAL A 113 8.11 2.34 1.66
CA VAL A 113 7.72 1.51 0.53
C VAL A 113 6.26 1.11 0.61
N HIS A 114 5.61 0.97 -0.53
CA HIS A 114 4.20 0.60 -0.58
C HIS A 114 3.83 0.08 -1.96
N LEU A 115 2.79 -0.75 -2.02
CA LEU A 115 2.33 -1.32 -3.28
C LEU A 115 0.95 -0.79 -3.65
N ILE A 116 0.52 -1.08 -4.87
CA ILE A 116 -0.79 -0.62 -5.35
C ILE A 116 -1.57 -1.78 -5.96
N TYR A 117 -2.90 -1.70 -5.86
CA TYR A 117 -3.77 -2.74 -6.41
C TYR A 117 -4.92 -2.13 -7.18
N ARG A 118 -5.06 -2.52 -8.45
CA ARG A 118 -6.12 -2.01 -9.31
C ARG A 118 -7.44 -2.72 -9.00
N VAL A 119 -8.47 -1.92 -8.73
CA VAL A 119 -9.80 -2.46 -8.42
C VAL A 119 -10.64 -2.58 -9.68
N GLU A 120 -11.15 -3.79 -9.93
CA GLU A 120 -11.98 -4.04 -11.11
C GLU A 120 -13.36 -3.41 -10.93
N PRO A 1 -9.78 16.32 -13.87
CA PRO A 1 -10.35 15.86 -15.15
C PRO A 1 -10.81 14.41 -15.09
N THR A 2 -9.96 13.54 -14.55
CA THR A 2 -10.28 12.12 -14.43
C THR A 2 -9.53 11.49 -13.26
N GLU A 3 -10.24 10.69 -12.48
CA GLU A 3 -9.64 10.02 -11.33
C GLU A 3 -9.88 8.51 -11.40
N ARG A 4 -9.16 7.77 -10.56
CA ARG A 4 -9.28 6.32 -10.52
C ARG A 4 -9.67 5.84 -9.13
N HIS A 5 -9.87 4.54 -8.98
CA HIS A 5 -10.25 3.95 -7.70
C HIS A 5 -9.48 2.66 -7.46
N PHE A 6 -8.48 2.73 -6.58
CA PHE A 6 -7.67 1.56 -6.26
C PHE A 6 -7.18 1.63 -4.81
N TYR A 7 -6.55 0.55 -4.35
CA TYR A 7 -6.04 0.47 -2.99
C TYR A 7 -4.51 0.39 -2.99
N HIS A 8 -3.93 0.41 -1.80
CA HIS A 8 -2.48 0.33 -1.66
C HIS A 8 -2.09 -0.14 -0.27
N VAL A 9 -0.88 -0.69 -0.14
CA VAL A 9 -0.40 -1.17 1.14
C VAL A 9 0.90 -0.48 1.54
N LEU A 10 0.86 0.29 2.62
CA LEU A 10 2.03 1.00 3.11
C LEU A 10 2.77 0.19 4.16
N VAL A 11 4.04 -0.10 3.89
CA VAL A 11 4.87 -0.87 4.81
C VAL A 11 6.14 -0.10 5.18
N LYS A 12 6.26 0.26 6.45
CA LYS A 12 7.42 0.98 6.94
C LYS A 12 8.18 0.16 7.98
N HIS A 13 9.34 0.67 8.41
CA HIS A 13 10.16 -0.01 9.40
C HIS A 13 10.82 0.99 10.33
N LYS A 14 11.46 0.49 11.38
CA LYS A 14 12.14 1.33 12.35
C LYS A 14 13.47 1.83 11.79
N ASP A 15 13.83 1.35 10.61
CA ASP A 15 15.08 1.75 9.97
C ASP A 15 14.83 2.83 8.91
N VAL A 16 13.70 3.53 9.05
CA VAL A 16 13.35 4.60 8.12
C VAL A 16 13.73 5.96 8.67
N ARG A 17 13.38 7.01 7.94
CA ARG A 17 13.68 8.37 8.35
C ARG A 17 12.67 8.85 9.40
N ARG A 18 11.43 8.42 9.26
CA ARG A 18 10.38 8.81 10.19
C ARG A 18 9.50 7.61 10.54
N PRO A 19 10.07 6.67 11.31
CA PRO A 19 9.34 5.46 11.73
C PRO A 19 8.25 5.75 12.75
N SER A 20 7.10 6.21 12.26
CA SER A 20 5.98 6.53 13.12
C SER A 20 4.66 6.45 12.35
N SER A 21 3.56 6.29 13.09
CA SER A 21 2.25 6.20 12.48
C SER A 21 1.35 7.35 12.94
N LEU A 22 0.60 7.92 12.00
CA LEU A 22 -0.30 9.02 12.31
C LEU A 22 -1.73 8.53 12.49
N ALA A 23 -1.95 7.73 13.53
CA ALA A 23 -3.28 7.19 13.81
C ALA A 23 -3.91 7.90 15.00
N PRO A 24 -5.24 7.78 15.12
CA PRO A 24 -6.00 8.40 16.21
C PRO A 24 -5.72 7.74 17.56
N ARG A 25 -5.32 6.48 17.52
CA ARG A 25 -5.02 5.73 18.73
C ARG A 25 -3.51 5.65 18.97
N ASN A 26 -2.74 5.81 17.89
CA ASN A 26 -1.29 5.75 17.99
C ASN A 26 -0.65 6.99 17.33
N LYS A 27 -1.21 8.15 17.62
CA LYS A 27 -0.71 9.40 17.07
C LYS A 27 0.63 9.78 17.72
N GLY A 28 1.62 10.07 16.89
CA GLY A 28 2.92 10.44 17.40
C GLY A 28 3.66 9.27 18.03
N GLU A 29 3.10 8.08 17.87
CA GLU A 29 3.71 6.87 18.42
C GLU A 29 4.66 6.23 17.41
N LYS A 30 5.66 5.51 17.93
CA LYS A 30 6.63 4.84 17.07
C LYS A 30 6.18 3.42 16.75
N ILE A 31 6.50 2.97 15.53
CA ILE A 31 6.12 1.63 15.09
C ILE A 31 7.21 0.62 15.45
N THR A 32 6.81 -0.46 16.12
CA THR A 32 7.76 -1.50 16.51
C THR A 32 7.98 -2.51 15.38
N ARG A 33 8.33 -1.99 14.21
CA ARG A 33 8.56 -2.84 13.05
C ARG A 33 10.02 -2.75 12.58
N SER A 34 10.51 -3.80 11.94
CA SER A 34 11.88 -3.83 11.46
C SER A 34 11.92 -3.83 9.93
N ARG A 35 13.09 -3.54 9.39
CA ARG A 35 13.27 -3.49 7.94
C ARG A 35 12.93 -4.83 7.31
N ALA A 36 13.29 -5.91 7.99
CA ALA A 36 13.02 -7.26 7.50
C ALA A 36 11.53 -7.55 7.49
N ASP A 37 10.78 -6.84 8.34
CA ASP A 37 9.34 -7.03 8.45
C ASP A 37 8.62 -6.21 7.38
N ALA A 38 9.29 -5.18 6.87
CA ALA A 38 8.71 -4.33 5.84
C ALA A 38 8.64 -5.04 4.50
N ILE A 39 9.65 -5.85 4.21
CA ILE A 39 9.69 -6.59 2.96
C ILE A 39 8.81 -7.84 3.02
N ASN A 40 8.97 -8.61 4.09
CA ASN A 40 8.19 -9.83 4.27
C ASN A 40 6.69 -9.51 4.27
N LEU A 41 6.35 -8.25 4.54
CA LEU A 41 4.96 -7.82 4.57
C LEU A 41 4.41 -7.63 3.16
N ALA A 42 5.06 -6.75 2.40
CA ALA A 42 4.63 -6.48 1.03
C ALA A 42 4.80 -7.73 0.15
N GLN A 43 5.84 -8.49 0.41
CA GLN A 43 6.12 -9.70 -0.35
C GLN A 43 5.08 -10.78 -0.06
N ALA A 44 4.74 -10.94 1.22
CA ALA A 44 3.76 -11.93 1.62
C ALA A 44 2.42 -11.70 0.92
N ILE A 45 2.17 -10.46 0.54
CA ILE A 45 0.92 -10.10 -0.14
C ILE A 45 0.95 -10.56 -1.59
N LEU A 46 1.92 -10.07 -2.36
CA LEU A 46 2.06 -10.43 -3.76
C LEU A 46 2.14 -11.95 -3.93
N ALA A 47 2.67 -12.62 -2.92
CA ALA A 47 2.80 -14.07 -2.95
C ALA A 47 1.66 -14.74 -2.21
N GLN A 48 0.85 -13.94 -1.54
CA GLN A 48 -0.29 -14.46 -0.79
C GLN A 48 -1.20 -15.30 -1.69
N HIS A 49 -1.14 -15.03 -2.99
CA HIS A 49 -1.96 -15.76 -3.96
C HIS A 49 -1.08 -16.57 -4.90
N LYS A 50 0.11 -16.92 -4.43
CA LYS A 50 1.05 -17.71 -5.24
C LYS A 50 0.37 -18.95 -5.81
N GLU A 51 1.00 -19.55 -6.80
CA GLU A 51 0.45 -20.75 -7.44
C GLU A 51 -0.91 -20.47 -8.04
N ARG A 52 -1.21 -19.19 -8.26
CA ARG A 52 -2.49 -18.80 -8.84
C ARG A 52 -2.37 -17.46 -9.56
N LYS A 53 -2.82 -17.44 -10.81
CA LYS A 53 -2.76 -16.22 -11.61
C LYS A 53 -4.10 -15.48 -11.59
N THR A 54 -4.47 -14.99 -10.41
CA THR A 54 -5.73 -14.27 -10.25
C THR A 54 -5.73 -13.46 -8.97
N TRP A 55 -5.66 -12.13 -9.11
CA TRP A 55 -5.66 -11.24 -7.96
C TRP A 55 -7.07 -10.75 -7.65
N SER A 56 -7.66 -11.30 -6.59
CA SER A 56 -9.01 -10.92 -6.19
C SER A 56 -9.00 -9.60 -5.42
N LEU A 57 -10.06 -8.82 -5.58
CA LEU A 57 -10.17 -7.53 -4.90
C LEU A 57 -10.32 -7.73 -3.40
N ASP A 58 -11.40 -8.37 -2.99
CA ASP A 58 -11.66 -8.63 -1.57
C ASP A 58 -10.47 -9.32 -0.92
N GLU A 59 -9.68 -10.03 -1.73
CA GLU A 59 -8.51 -10.73 -1.23
C GLU A 59 -7.41 -9.76 -0.82
N PHE A 60 -7.36 -8.62 -1.51
CA PHE A 60 -6.36 -7.60 -1.22
C PHE A 60 -6.81 -6.69 -0.08
N VAL A 61 -8.07 -6.25 -0.15
CA VAL A 61 -8.64 -5.37 0.86
C VAL A 61 -8.40 -5.93 2.26
N GLN A 62 -8.34 -7.26 2.36
CA GLN A 62 -8.12 -7.92 3.64
C GLN A 62 -6.69 -7.71 4.12
N VAL A 63 -5.73 -7.76 3.20
CA VAL A 63 -4.33 -7.58 3.52
C VAL A 63 -3.98 -6.09 3.60
N VAL A 64 -4.80 -5.26 2.98
CA VAL A 64 -4.58 -3.82 2.99
C VAL A 64 -4.62 -3.26 4.40
N ARG A 65 -5.75 -3.46 5.07
CA ARG A 65 -5.93 -2.97 6.44
C ARG A 65 -5.18 -3.87 7.43
N ASP A 66 -4.58 -4.93 6.92
CA ASP A 66 -3.83 -5.86 7.76
C ASP A 66 -2.33 -5.63 7.63
N PHE A 67 -1.94 -4.90 6.59
CA PHE A 67 -0.53 -4.61 6.35
C PHE A 67 -0.28 -3.11 6.33
N SER A 68 -1.03 -2.41 5.49
CA SER A 68 -0.89 -0.96 5.37
C SER A 68 -0.87 -0.30 6.74
N GLU A 69 -0.19 0.84 6.83
CA GLU A 69 -0.08 1.57 8.08
C GLU A 69 -0.42 3.05 7.89
N CYS A 70 -0.82 3.40 6.67
CA CYS A 70 -1.18 4.77 6.34
C CYS A 70 -2.62 5.08 6.78
N GLY A 71 -2.76 5.71 7.95
CA GLY A 71 -4.07 6.05 8.45
C GLY A 71 -5.01 4.86 8.48
N SER A 72 -4.66 3.84 9.25
CA SER A 72 -5.47 2.64 9.36
C SER A 72 -6.92 2.98 9.72
N ALA A 73 -7.07 3.93 10.64
CA ALA A 73 -8.40 4.35 11.08
C ALA A 73 -8.94 5.47 10.18
N LYS A 74 -8.07 6.00 9.33
CA LYS A 74 -8.47 7.07 8.42
C LYS A 74 -9.01 6.50 7.12
N ARG A 75 -8.17 5.81 6.37
CA ARG A 75 -8.57 5.20 5.10
C ARG A 75 -8.38 3.69 5.14
N ASP A 76 -7.74 3.20 6.20
CA ASP A 76 -7.49 1.77 6.34
C ASP A 76 -6.59 1.26 5.23
N GLY A 77 -5.85 2.16 4.61
CA GLY A 77 -4.94 1.79 3.54
C GLY A 77 -5.64 1.72 2.19
N ASP A 78 -6.78 2.40 2.09
CA ASP A 78 -7.54 2.43 0.85
C ASP A 78 -7.52 3.82 0.22
N LEU A 79 -7.20 3.88 -1.07
CA LEU A 79 -7.14 5.15 -1.78
C LEU A 79 -8.50 5.52 -2.36
N GLY A 80 -8.73 6.81 -2.56
CA GLY A 80 -9.99 7.27 -3.10
C GLY A 80 -9.84 7.90 -4.47
N MET A 81 -10.84 8.67 -4.88
CA MET A 81 -10.81 9.35 -6.17
C MET A 81 -9.55 10.21 -6.31
N VAL A 82 -8.58 9.71 -7.06
CA VAL A 82 -7.33 10.42 -7.28
C VAL A 82 -7.03 10.58 -8.76
N GLU A 83 -6.67 11.79 -9.17
CA GLU A 83 -6.36 12.07 -10.56
C GLU A 83 -4.84 12.05 -10.79
N SER A 84 -4.45 11.93 -12.06
CA SER A 84 -3.03 11.90 -12.42
C SER A 84 -2.32 13.17 -11.96
N GLY A 85 -1.35 13.01 -11.06
CA GLY A 85 -0.62 14.15 -10.55
C GLY A 85 -0.91 14.43 -9.09
N THR A 86 -1.57 13.48 -8.43
CA THR A 86 -1.92 13.63 -7.02
C THR A 86 -0.90 12.94 -6.14
N TYR A 87 -0.44 11.76 -6.56
CA TYR A 87 0.54 11.01 -5.80
C TYR A 87 1.97 11.40 -6.21
N THR A 88 2.94 10.66 -5.68
CA THR A 88 4.34 10.93 -5.99
C THR A 88 4.78 10.21 -7.26
N GLU A 89 5.93 10.61 -7.80
CA GLU A 89 6.45 10.01 -9.02
C GLU A 89 6.65 8.50 -8.84
N GLY A 90 6.31 7.74 -9.87
CA GLY A 90 6.46 6.30 -9.82
C GLY A 90 5.18 5.61 -9.36
N PHE A 91 4.42 6.28 -8.51
CA PHE A 91 3.18 5.71 -7.99
C PHE A 91 2.00 6.05 -8.92
N ASP A 92 1.69 7.33 -9.02
CA ASP A 92 0.59 7.78 -9.87
C ASP A 92 0.86 7.43 -11.33
N THR A 93 2.12 7.19 -11.65
CA THR A 93 2.50 6.85 -13.01
C THR A 93 2.12 5.41 -13.35
N VAL A 94 2.36 4.50 -12.41
CA VAL A 94 2.04 3.10 -12.61
C VAL A 94 0.58 2.82 -12.24
N ALA A 95 0.16 3.32 -11.09
CA ALA A 95 -1.21 3.12 -10.63
C ALA A 95 -2.21 3.48 -11.72
N PHE A 96 -2.05 4.66 -12.31
CA PHE A 96 -2.93 5.13 -13.36
C PHE A 96 -2.63 4.43 -14.67
N SER A 97 -1.52 3.69 -14.71
CA SER A 97 -1.12 2.97 -15.91
C SER A 97 -1.27 1.46 -15.72
N LEU A 98 -2.06 1.07 -14.73
CA LEU A 98 -2.29 -0.34 -14.44
C LEU A 98 -3.68 -0.77 -14.91
N LYS A 99 -3.88 -2.08 -15.03
CA LYS A 99 -5.16 -2.62 -15.45
C LYS A 99 -5.96 -3.15 -14.27
N SER A 100 -7.23 -3.43 -14.50
CA SER A 100 -8.11 -3.93 -13.44
C SER A 100 -7.70 -5.34 -13.03
N GLY A 101 -7.45 -5.54 -11.75
CA GLY A 101 -7.05 -6.84 -11.25
C GLY A 101 -5.57 -7.09 -11.39
N GLU A 102 -4.78 -6.02 -11.31
CA GLU A 102 -3.33 -6.14 -11.44
C GLU A 102 -2.63 -5.33 -10.35
N VAL A 103 -1.62 -5.94 -9.73
CA VAL A 103 -0.86 -5.28 -8.68
C VAL A 103 0.40 -4.61 -9.22
N SER A 104 0.70 -3.42 -8.71
CA SER A 104 1.87 -2.68 -9.15
C SER A 104 3.14 -3.19 -8.47
N ALA A 105 4.29 -2.93 -9.08
CA ALA A 105 5.56 -3.36 -8.53
C ALA A 105 5.81 -2.76 -7.16
N PRO A 106 6.79 -3.31 -6.43
CA PRO A 106 7.14 -2.84 -5.09
C PRO A 106 7.81 -1.46 -5.12
N VAL A 107 7.00 -0.42 -5.08
CA VAL A 107 7.50 0.95 -5.09
C VAL A 107 8.13 1.32 -3.76
N GLU A 108 9.38 1.77 -3.79
CA GLU A 108 10.09 2.16 -2.58
C GLU A 108 10.26 3.68 -2.51
N THR A 109 9.54 4.31 -1.60
CA THR A 109 9.60 5.75 -1.43
C THR A 109 10.54 6.13 -0.28
N GLU A 110 10.89 7.41 -0.21
CA GLU A 110 11.77 7.90 0.83
C GLU A 110 11.24 7.55 2.22
N LEU A 111 9.91 7.48 2.33
CA LEU A 111 9.26 7.15 3.60
C LEU A 111 9.23 5.65 3.82
N GLY A 112 8.92 4.91 2.75
CA GLY A 112 8.85 3.46 2.85
C GLY A 112 8.37 2.82 1.57
N VAL A 113 8.27 1.50 1.57
CA VAL A 113 7.81 0.75 0.40
C VAL A 113 6.31 0.50 0.46
N HIS A 114 5.66 0.50 -0.70
CA HIS A 114 4.24 0.26 -0.78
C HIS A 114 3.82 -0.16 -2.19
N LEU A 115 2.75 -0.94 -2.28
CA LEU A 115 2.26 -1.40 -3.57
C LEU A 115 0.85 -0.88 -3.83
N ILE A 116 0.38 -1.08 -5.06
CA ILE A 116 -0.96 -0.63 -5.44
C ILE A 116 -1.78 -1.77 -6.04
N TYR A 117 -3.09 -1.67 -5.93
CA TYR A 117 -3.98 -2.70 -6.45
C TYR A 117 -5.20 -2.07 -7.13
N ARG A 118 -5.45 -2.48 -8.37
CA ARG A 118 -6.58 -1.95 -9.14
C ARG A 118 -7.88 -2.61 -8.70
N VAL A 119 -8.81 -1.80 -8.22
CA VAL A 119 -10.11 -2.30 -7.76
C VAL A 119 -11.04 -2.56 -8.94
N GLU A 120 -11.36 -3.83 -9.16
CA GLU A 120 -12.24 -4.22 -10.26
C GLU A 120 -13.54 -3.40 -10.23
#